data_5EHZ
#
_entry.id   5EHZ
#
_cell.length_a   79.110
_cell.length_b   110.970
_cell.length_c   227.050
_cell.angle_alpha   90.00
_cell.angle_beta   90.00
_cell.angle_gamma   90.00
#
_symmetry.space_group_name_H-M   'P 21 21 21'
#
loop_
_entity.id
_entity.type
_entity.pdbx_description
1 polymer Acetylcholinesterase
2 non-polymer 2-acetamido-2-deoxy-beta-D-glucopyranose
3 non-polymer 6-phenyl-5-[5-[3-[2-(1,2,3,4-tetrahydroacridin-9-ylamino)ethyl]-1,2,3-triazol-4-yl]pentyl]phenanthridin-5-ium-3,8-diamine
4 non-polymer 'HEXAETHYLENE GLYCOL'
5 water water
#
_entity_poly.entity_id   1
_entity_poly.type   'polypeptide(L)'
_entity_poly.pdbx_seq_one_letter_code
;EGREDPQLLVRVRGGQLRGIRLKAPGGPVSAFLGIPFAEPPVGSRRFMPPEPKRPWSGVLDATTFQNVCYQYVDTLYPGF
EGTEMWNPNRELSEDCLYLNVWTPYPRPASPTPVLIWIYGGGFYSGAASLDVYDGRFLAQVEGAVLVSMNYRVGTFGFLA
LPGSREAPGNVGLLDQRLALQWVQENIAAFGGDPMSVTLFGESAGAASVGMHILSLPSRSLFHRAVLQSGTPNGPWATVS
AGEARRRATLLARLVGCPPGGAGGNDTELIACLRTRPAQDLVDHEWHVLPQESIFRFSFVPVVDGDFLSDTPEALINTGD
FQDLQVLVGVVKDEGSYFLVYGVPGFSKDNESLISRAQFLAGVRIGVPQASDLAAEAVVLHYTDWLHPEDPTHLRDAMSA
VVGDHNVVCPVAQLAGRLAAQGARVYAYIFEHRASTLTWPLWMGVPHGYEIEFIFGLPLDPSLNYTTEERIFAQRLMKYW
TNFARTGDPNDPRDSKSPQWPPYTTAAQQYVSLNLKPLEVRRGLRAQTCAFWNRFLPKLLSAT
;
_entity_poly.pdbx_strand_id   A,B
#
loop_
_chem_comp.id
_chem_comp.type
_chem_comp.name
_chem_comp.formula
5NZ non-polymer 6-phenyl-5-[5-[3-[2-(1,2,3,4-tetrahydroacridin-9-ylamino)ethyl]-1,2,3-triazol-4-yl]pentyl]phenanthridin-5-ium-3,8-diamine 'C41 H43 N8 1'
NAG D-saccharide, beta linking 2-acetamido-2-deoxy-beta-D-glucopyranose 'C8 H15 N O6'
P6G non-polymer 'HEXAETHYLENE GLYCOL' 'C12 H26 O7'
#
# COMPACT_ATOMS: atom_id res chain seq x y z
N GLU A 1 -16.83 -64.09 19.87
CA GLU A 1 -16.82 -63.32 21.11
C GLU A 1 -16.67 -64.24 22.31
N GLY A 2 -15.86 -63.80 23.26
CA GLY A 2 -15.66 -64.55 24.49
C GLY A 2 -14.27 -64.46 25.05
N ARG A 3 -13.27 -64.45 24.15
CA ARG A 3 -11.85 -64.37 24.48
C ARG A 3 -11.25 -63.02 24.10
N GLU A 4 -12.04 -62.15 23.45
CA GLU A 4 -11.64 -60.79 23.03
C GLU A 4 -11.58 -59.82 24.21
N ASP A 5 -11.01 -58.64 23.98
CA ASP A 5 -10.93 -57.56 24.95
C ASP A 5 -12.34 -56.98 24.98
N PRO A 6 -13.03 -57.10 26.15
CA PRO A 6 -14.43 -56.63 26.24
C PRO A 6 -14.62 -55.12 26.05
N GLN A 7 -13.51 -54.37 26.07
CA GLN A 7 -13.47 -52.92 25.99
C GLN A 7 -13.35 -52.42 24.57
N LEU A 8 -13.23 -53.34 23.59
CA LEU A 8 -13.06 -53.00 22.17
C LEU A 8 -14.24 -53.39 21.29
N LEU A 9 -15.34 -53.84 21.92
CA LEU A 9 -16.59 -54.29 21.29
C LEU A 9 -17.71 -53.27 21.55
N VAL A 10 -18.18 -52.64 20.46
CA VAL A 10 -19.18 -51.58 20.42
C VAL A 10 -20.18 -51.88 19.29
N ARG A 11 -21.43 -51.46 19.45
CA ARG A 11 -22.47 -51.54 18.42
C ARG A 11 -22.87 -50.13 17.97
N VAL A 12 -23.03 -49.93 16.66
CA VAL A 12 -23.50 -48.72 16.00
C VAL A 12 -24.78 -49.05 15.18
N ARG A 13 -25.47 -48.03 14.59
CA ARG A 13 -26.74 -48.19 13.84
C ARG A 13 -26.69 -49.33 12.82
N GLY A 14 -25.54 -49.52 12.20
CA GLY A 14 -25.33 -50.55 11.20
C GLY A 14 -24.83 -51.89 11.69
N GLY A 15 -24.54 -51.99 12.99
CA GLY A 15 -24.10 -53.26 13.56
C GLY A 15 -22.91 -53.21 14.48
N GLN A 16 -22.35 -54.39 14.79
CA GLN A 16 -21.23 -54.59 15.72
C GLN A 16 -19.88 -54.31 15.11
N LEU A 17 -19.00 -53.71 15.93
CA LEU A 17 -17.64 -53.34 15.58
C LEU A 17 -16.68 -53.91 16.57
N ARG A 18 -15.47 -54.21 16.10
CA ARG A 18 -14.38 -54.58 16.95
C ARG A 18 -13.22 -53.62 16.66
N GLY A 19 -12.84 -52.84 17.65
CA GLY A 19 -11.73 -51.92 17.55
C GLY A 19 -10.42 -52.55 17.99
N ILE A 20 -9.41 -51.68 18.13
CA ILE A 20 -8.06 -52.07 18.50
C ILE A 20 -7.56 -51.16 19.62
N ARG A 21 -6.78 -51.73 20.54
CA ARG A 21 -6.14 -51.03 21.65
C ARG A 21 -4.78 -50.57 21.14
N LEU A 22 -4.63 -49.26 20.94
CA LEU A 22 -3.40 -48.66 20.44
C LEU A 22 -2.56 -48.11 21.57
N LYS A 23 -1.24 -48.11 21.44
CA LYS A 23 -0.36 -47.53 22.45
C LYS A 23 -0.06 -46.08 22.08
N ALA A 24 -0.34 -45.17 23.02
CA ALA A 24 -0.03 -43.75 22.88
C ALA A 24 1.08 -43.53 23.93
N PRO A 25 1.94 -42.49 23.84
CA PRO A 25 3.03 -42.36 24.83
C PRO A 25 2.60 -42.52 26.30
N GLY A 26 1.51 -41.86 26.69
CA GLY A 26 1.01 -41.89 28.06
C GLY A 26 0.11 -43.05 28.49
N GLY A 27 -0.25 -43.92 27.55
CA GLY A 27 -1.10 -45.07 27.85
C GLY A 27 -2.00 -45.51 26.71
N PRO A 28 -2.86 -46.52 26.92
CA PRO A 28 -3.71 -47.00 25.80
C PRO A 28 -4.84 -46.06 25.38
N VAL A 29 -5.28 -46.25 24.12
CA VAL A 29 -6.41 -45.56 23.46
C VAL A 29 -7.19 -46.62 22.69
N SER A 30 -8.49 -46.40 22.49
CA SER A 30 -9.33 -47.28 21.70
C SER A 30 -9.46 -46.64 20.33
N ALA A 31 -9.24 -47.41 19.28
CA ALA A 31 -9.41 -46.92 17.92
C ALA A 31 -10.33 -47.86 17.15
N PHE A 32 -11.31 -47.27 16.45
CA PHE A 32 -12.30 -47.95 15.61
C PHE A 32 -12.07 -47.35 14.22
N LEU A 33 -11.28 -48.08 13.42
CA LEU A 33 -10.85 -47.60 12.13
C LEU A 33 -11.52 -48.31 10.98
N GLY A 34 -11.84 -47.55 9.94
CA GLY A 34 -12.48 -48.11 8.76
C GLY A 34 -13.93 -48.49 8.95
N ILE A 35 -14.69 -47.68 9.71
CA ILE A 35 -16.13 -47.90 9.90
C ILE A 35 -16.87 -47.41 8.62
N PRO A 36 -17.67 -48.24 7.91
CA PRO A 36 -18.37 -47.75 6.72
C PRO A 36 -19.55 -46.83 7.10
N PHE A 37 -19.62 -45.61 6.55
CA PHE A 37 -20.71 -44.69 6.87
C PHE A 37 -21.64 -44.54 5.68
N ALA A 38 -21.25 -45.13 4.54
CA ALA A 38 -22.04 -45.04 3.31
C ALA A 38 -21.92 -46.27 2.41
N GLU A 39 -22.88 -46.42 1.49
CA GLU A 39 -22.85 -47.44 0.46
C GLU A 39 -21.69 -47.06 -0.47
N PRO A 40 -20.78 -48.01 -0.81
CA PRO A 40 -19.64 -47.65 -1.69
C PRO A 40 -20.10 -46.84 -2.93
N PRO A 41 -19.57 -45.63 -3.17
CA PRO A 41 -20.08 -44.82 -4.30
C PRO A 41 -19.48 -45.22 -5.65
N VAL A 42 -19.70 -46.47 -6.04
CA VAL A 42 -19.14 -47.12 -7.22
C VAL A 42 -20.18 -47.42 -8.32
N GLY A 43 -19.70 -47.65 -9.53
CA GLY A 43 -20.53 -47.97 -10.69
C GLY A 43 -21.46 -46.83 -11.04
N SER A 44 -22.76 -47.10 -10.90
CA SER A 44 -23.85 -46.15 -11.19
C SER A 44 -23.94 -45.03 -10.15
N ARG A 45 -23.32 -45.24 -8.97
CA ARG A 45 -23.31 -44.29 -7.87
C ARG A 45 -22.20 -43.25 -8.01
N ARG A 46 -21.31 -43.42 -9.02
CA ARG A 46 -20.24 -42.45 -9.24
C ARG A 46 -20.87 -41.11 -9.60
N PHE A 47 -20.36 -40.01 -8.97
CA PHE A 47 -20.81 -38.60 -9.09
C PHE A 47 -22.12 -38.33 -8.34
N MET A 48 -22.72 -39.38 -7.76
CA MET A 48 -24.00 -39.30 -7.07
C MET A 48 -23.87 -39.02 -5.56
N PRO A 49 -24.88 -38.31 -4.96
CA PRO A 49 -24.86 -38.09 -3.51
C PRO A 49 -24.70 -39.40 -2.73
N PRO A 50 -24.04 -39.41 -1.56
CA PRO A 50 -23.87 -40.67 -0.83
C PRO A 50 -25.19 -41.19 -0.27
N GLU A 51 -25.26 -42.52 -0.11
CA GLU A 51 -26.39 -43.22 0.47
C GLU A 51 -25.92 -43.80 1.79
N PRO A 52 -26.72 -43.81 2.87
CA PRO A 52 -26.25 -44.41 4.12
C PRO A 52 -25.90 -45.89 4.00
N LYS A 53 -24.89 -46.34 4.74
CA LYS A 53 -24.45 -47.74 4.74
C LYS A 53 -25.54 -48.63 5.28
N ARG A 54 -25.93 -49.66 4.49
CA ARG A 54 -26.93 -50.62 4.91
C ARG A 54 -26.35 -51.46 6.06
N PRO A 55 -27.17 -51.87 7.08
CA PRO A 55 -26.63 -52.68 8.17
C PRO A 55 -25.94 -53.96 7.70
N TRP A 56 -24.88 -54.36 8.41
CA TRP A 56 -24.11 -55.58 8.11
C TRP A 56 -24.40 -56.66 9.17
N SER A 57 -23.95 -57.90 8.91
CA SER A 57 -24.13 -58.96 9.87
C SER A 57 -22.78 -59.29 10.52
N GLY A 58 -22.82 -59.85 11.71
CA GLY A 58 -21.60 -60.21 12.41
C GLY A 58 -20.86 -59.00 12.95
N VAL A 59 -19.61 -59.23 13.35
CA VAL A 59 -18.76 -58.18 13.91
C VAL A 59 -17.83 -57.68 12.82
N LEU A 60 -18.00 -56.41 12.45
CA LEU A 60 -17.17 -55.77 11.46
C LEU A 60 -15.82 -55.50 12.12
N ASP A 61 -14.73 -55.87 11.44
CA ASP A 61 -13.39 -55.64 11.92
C ASP A 61 -13.02 -54.17 11.66
N ALA A 62 -12.85 -53.38 12.74
CA ALA A 62 -12.50 -51.96 12.69
C ALA A 62 -11.10 -51.70 13.35
N THR A 63 -10.11 -52.52 12.98
CA THR A 63 -8.76 -52.47 13.54
C THR A 63 -7.72 -51.83 12.62
N THR A 64 -8.07 -51.62 11.34
CA THR A 64 -7.16 -51.03 10.34
C THR A 64 -7.88 -49.94 9.54
N PHE A 65 -7.11 -48.97 9.02
CA PHE A 65 -7.63 -47.92 8.16
C PHE A 65 -8.11 -48.54 6.85
N GLN A 66 -9.15 -47.97 6.27
CA GLN A 66 -9.67 -48.48 5.02
C GLN A 66 -9.10 -47.75 3.81
N ASN A 67 -9.55 -48.12 2.60
CA ASN A 67 -9.11 -47.50 1.34
C ASN A 67 -9.21 -46.00 1.39
N VAL A 68 -8.30 -45.40 0.67
CA VAL A 68 -8.16 -43.97 0.48
C VAL A 68 -8.93 -43.71 -0.82
N CYS A 69 -9.64 -42.56 -0.91
CA CYS A 69 -10.41 -42.22 -2.11
C CYS A 69 -9.49 -42.03 -3.32
N TYR A 70 -9.97 -42.44 -4.49
CA TYR A 70 -9.21 -42.37 -5.72
C TYR A 70 -8.71 -40.95 -5.98
N GLN A 71 -7.37 -40.83 -6.12
CA GLN A 71 -6.71 -39.53 -6.27
C GLN A 71 -5.35 -39.62 -6.96
N TYR A 72 -4.84 -38.44 -7.35
CA TYR A 72 -3.53 -38.22 -7.95
C TYR A 72 -2.47 -38.36 -6.85
N VAL A 73 -1.49 -39.27 -7.06
CA VAL A 73 -0.36 -39.52 -6.16
C VAL A 73 0.82 -38.61 -6.61
N ASP A 74 1.39 -37.84 -5.66
CA ASP A 74 2.51 -36.90 -5.87
C ASP A 74 3.80 -37.71 -5.98
N THR A 75 4.48 -37.63 -7.14
CA THR A 75 5.75 -38.33 -7.42
C THR A 75 6.87 -37.35 -7.80
N LEU A 76 6.61 -36.03 -7.64
CA LEU A 76 7.51 -34.91 -7.95
C LEU A 76 8.93 -35.12 -7.36
N TYR A 77 9.00 -35.50 -6.07
CA TYR A 77 10.24 -35.72 -5.35
C TYR A 77 10.25 -37.10 -4.71
N PRO A 78 10.67 -38.16 -5.45
CA PRO A 78 10.66 -39.53 -4.90
C PRO A 78 11.58 -39.75 -3.71
N GLY A 79 11.03 -40.39 -2.67
CA GLY A 79 11.73 -40.68 -1.42
C GLY A 79 11.71 -39.54 -0.43
N PHE A 80 11.21 -38.35 -0.86
CA PHE A 80 11.20 -37.13 -0.08
C PHE A 80 10.02 -37.08 0.85
N GLU A 81 10.31 -37.06 2.15
CA GLU A 81 9.31 -37.02 3.23
C GLU A 81 8.41 -35.81 3.08
N GLY A 82 8.98 -34.69 2.64
CA GLY A 82 8.27 -33.44 2.43
C GLY A 82 7.03 -33.58 1.60
N THR A 83 7.09 -34.37 0.53
CA THR A 83 5.93 -34.62 -0.32
C THR A 83 5.19 -35.96 0.02
N GLU A 84 5.96 -37.01 0.34
CA GLU A 84 5.39 -38.32 0.60
C GLU A 84 4.56 -38.41 1.87
N MET A 85 4.78 -37.55 2.89
CA MET A 85 3.97 -37.59 4.13
C MET A 85 2.46 -37.31 3.89
N TRP A 86 2.14 -36.70 2.76
CA TRP A 86 0.80 -36.31 2.36
C TRP A 86 0.18 -37.30 1.40
N ASN A 87 0.97 -38.27 0.92
CA ASN A 87 0.54 -39.27 -0.06
C ASN A 87 -0.34 -40.36 0.51
N PRO A 88 -1.20 -41.03 -0.31
CA PRO A 88 -2.06 -42.10 0.25
C PRO A 88 -1.23 -43.20 0.89
N ASN A 89 -1.65 -43.65 2.08
CA ASN A 89 -0.96 -44.68 2.82
C ASN A 89 -1.76 -45.97 2.89
N ARG A 90 -2.87 -46.04 2.13
CA ARG A 90 -3.73 -47.22 1.97
C ARG A 90 -4.08 -47.36 0.48
N GLU A 91 -4.74 -48.45 0.12
CA GLU A 91 -5.09 -48.66 -1.28
C GLU A 91 -6.01 -47.59 -1.82
N LEU A 92 -5.82 -47.21 -3.08
CA LEU A 92 -6.75 -46.27 -3.70
C LEU A 92 -7.93 -47.04 -4.21
N SER A 93 -9.13 -46.56 -3.89
CA SER A 93 -10.38 -47.19 -4.35
C SER A 93 -11.51 -46.17 -4.36
N GLU A 94 -12.50 -46.39 -5.24
CA GLU A 94 -13.70 -45.58 -5.24
C GLU A 94 -14.57 -45.99 -4.04
N ASP A 95 -14.35 -47.22 -3.50
CA ASP A 95 -14.97 -47.74 -2.30
C ASP A 95 -14.09 -47.20 -1.17
N CYS A 96 -14.44 -45.99 -0.68
CA CYS A 96 -13.59 -45.29 0.30
C CYS A 96 -14.34 -44.56 1.45
N LEU A 97 -15.68 -44.63 1.47
CA LEU A 97 -16.48 -43.90 2.44
C LEU A 97 -16.51 -44.59 3.80
N TYR A 98 -15.42 -44.39 4.52
CA TYR A 98 -15.16 -44.94 5.85
C TYR A 98 -14.69 -43.85 6.77
N LEU A 99 -14.94 -44.02 8.08
CA LEU A 99 -14.51 -43.09 9.10
C LEU A 99 -13.80 -43.81 10.24
N ASN A 100 -13.07 -43.04 11.06
CA ASN A 100 -12.24 -43.52 12.16
C ASN A 100 -12.61 -42.78 13.40
N VAL A 101 -12.60 -43.49 14.53
CA VAL A 101 -12.93 -42.98 15.86
C VAL A 101 -11.80 -43.35 16.84
N TRP A 102 -11.28 -42.35 17.58
CA TRP A 102 -10.29 -42.58 18.65
C TRP A 102 -10.95 -42.11 19.92
N THR A 103 -10.84 -42.89 20.98
CA THR A 103 -11.43 -42.51 22.25
C THR A 103 -10.47 -42.92 23.34
N PRO A 104 -10.56 -42.35 24.56
CA PRO A 104 -9.75 -42.86 25.68
C PRO A 104 -9.97 -44.36 25.94
N TYR A 105 -9.00 -45.00 26.60
CA TYR A 105 -9.09 -46.40 26.99
C TYR A 105 -8.97 -46.51 28.51
N PRO A 106 -10.01 -47.03 29.22
CA PRO A 106 -11.32 -47.48 28.70
C PRO A 106 -12.16 -46.30 28.21
N ARG A 107 -13.21 -46.56 27.41
CA ARG A 107 -14.07 -45.50 26.85
C ARG A 107 -14.60 -44.56 27.94
N PRO A 108 -14.79 -43.25 27.66
CA PRO A 108 -15.26 -42.31 28.69
C PRO A 108 -16.51 -42.73 29.45
N ALA A 109 -16.57 -42.44 30.75
CA ALA A 109 -17.70 -42.73 31.64
C ALA A 109 -18.88 -41.77 31.40
N SER A 110 -18.58 -40.48 31.23
CA SER A 110 -19.52 -39.40 31.00
C SER A 110 -19.39 -38.90 29.55
N PRO A 111 -20.46 -38.30 28.94
CA PRO A 111 -20.36 -37.81 27.55
C PRO A 111 -19.23 -36.81 27.35
N THR A 112 -18.37 -37.09 26.37
CA THR A 112 -17.16 -36.32 26.07
C THR A 112 -17.26 -35.48 24.81
N PRO A 113 -16.81 -34.19 24.83
CA PRO A 113 -16.84 -33.40 23.59
C PRO A 113 -16.11 -34.10 22.44
N VAL A 114 -16.71 -34.02 21.24
CA VAL A 114 -16.23 -34.62 20.00
C VAL A 114 -15.54 -33.61 19.08
N LEU A 115 -14.39 -33.99 18.51
CA LEU A 115 -13.66 -33.21 17.52
C LEU A 115 -13.75 -33.99 16.21
N ILE A 116 -14.26 -33.38 15.14
CA ILE A 116 -14.35 -34.02 13.83
C ILE A 116 -13.34 -33.39 12.88
N TRP A 117 -12.31 -34.15 12.45
CA TRP A 117 -11.29 -33.68 11.52
C TRP A 117 -11.72 -33.86 10.06
N ILE A 118 -11.58 -32.79 9.25
CA ILE A 118 -11.82 -32.78 7.80
C ILE A 118 -10.50 -32.41 7.11
N TYR A 119 -9.82 -33.38 6.49
CA TYR A 119 -8.52 -33.15 5.84
C TYR A 119 -8.57 -32.21 4.62
N GLY A 120 -7.41 -31.64 4.27
CA GLY A 120 -7.21 -30.83 3.06
C GLY A 120 -6.58 -31.65 1.94
N GLY A 121 -6.10 -30.95 0.90
CA GLY A 121 -5.52 -31.54 -0.31
C GLY A 121 -6.20 -31.05 -1.58
N GLY A 122 -6.53 -29.77 -1.61
CA GLY A 122 -7.12 -29.05 -2.72
C GLY A 122 -8.39 -29.62 -3.31
N PHE A 123 -9.13 -30.44 -2.52
CA PHE A 123 -10.34 -31.18 -2.91
C PHE A 123 -10.03 -32.23 -4.00
N TYR A 124 -8.75 -32.58 -4.20
CA TYR A 124 -8.33 -33.53 -5.24
C TYR A 124 -7.57 -34.70 -4.60
N SER A 125 -7.16 -34.51 -3.34
CA SER A 125 -6.35 -35.47 -2.61
C SER A 125 -6.63 -35.43 -1.11
N GLY A 126 -5.95 -36.32 -0.42
CA GLY A 126 -6.00 -36.43 1.03
C GLY A 126 -6.61 -37.73 1.50
N ALA A 127 -6.39 -38.00 2.80
CA ALA A 127 -6.92 -39.17 3.48
C ALA A 127 -6.94 -38.97 5.00
N ALA A 128 -7.90 -39.59 5.69
CA ALA A 128 -8.03 -39.50 7.16
C ALA A 128 -7.02 -40.44 7.86
N SER A 129 -6.36 -41.31 7.10
CA SER A 129 -5.42 -42.33 7.54
C SER A 129 -3.97 -41.89 7.68
N LEU A 130 -3.66 -40.64 7.29
CA LEU A 130 -2.29 -40.11 7.32
C LEU A 130 -1.82 -39.98 8.74
N ASP A 131 -0.50 -40.20 8.96
CA ASP A 131 0.14 -40.13 10.28
C ASP A 131 -0.05 -38.81 11.02
N VAL A 132 -0.07 -37.66 10.32
CA VAL A 132 -0.26 -36.34 10.97
C VAL A 132 -1.68 -36.11 11.49
N TYR A 133 -2.64 -36.98 11.09
CA TYR A 133 -4.03 -36.87 11.53
C TYR A 133 -4.36 -37.91 12.62
N ASP A 134 -3.34 -38.53 13.20
CA ASP A 134 -3.45 -39.56 14.21
C ASP A 134 -4.10 -39.00 15.45
N GLY A 135 -5.31 -39.47 15.75
CA GLY A 135 -6.10 -39.00 16.89
C GLY A 135 -5.71 -39.55 18.24
N ARG A 136 -4.72 -40.47 18.32
CA ARG A 136 -4.35 -41.13 19.58
C ARG A 136 -3.85 -40.19 20.66
N PHE A 137 -3.08 -39.14 20.32
CA PHE A 137 -2.54 -38.22 21.32
C PHE A 137 -3.62 -37.37 21.97
N LEU A 138 -4.53 -36.78 21.17
CA LEU A 138 -5.66 -35.97 21.66
C LEU A 138 -6.61 -36.82 22.52
N ALA A 139 -6.87 -38.07 22.11
CA ALA A 139 -7.67 -39.05 22.85
C ALA A 139 -7.05 -39.40 24.22
N GLN A 140 -5.73 -39.70 24.22
CA GLN A 140 -5.03 -40.10 25.43
C GLN A 140 -4.74 -38.92 26.37
N VAL A 141 -4.15 -37.85 25.88
CA VAL A 141 -3.73 -36.73 26.72
C VAL A 141 -4.90 -35.86 27.17
N GLU A 142 -5.83 -35.54 26.26
CA GLU A 142 -6.95 -34.65 26.50
C GLU A 142 -8.30 -35.33 26.76
N GLY A 143 -8.34 -36.66 26.67
CA GLY A 143 -9.54 -37.45 26.89
C GLY A 143 -10.60 -37.21 25.82
N ALA A 144 -10.18 -36.79 24.62
CA ALA A 144 -11.09 -36.44 23.54
C ALA A 144 -11.59 -37.63 22.74
N VAL A 145 -12.76 -37.46 22.11
CA VAL A 145 -13.35 -38.39 21.15
C VAL A 145 -13.11 -37.70 19.81
N LEU A 146 -12.23 -38.30 18.99
CA LEU A 146 -11.84 -37.76 17.71
C LEU A 146 -12.35 -38.64 16.59
N VAL A 147 -13.01 -38.00 15.61
CA VAL A 147 -13.56 -38.63 14.43
C VAL A 147 -12.94 -37.99 13.20
N SER A 148 -12.60 -38.79 12.18
CA SER A 148 -12.12 -38.32 10.88
C SER A 148 -12.73 -39.21 9.82
N MET A 149 -13.20 -38.63 8.73
CA MET A 149 -13.80 -39.37 7.66
C MET A 149 -13.06 -39.17 6.37
N ASN A 150 -13.24 -40.14 5.46
CA ASN A 150 -12.77 -40.04 4.09
C ASN A 150 -13.95 -39.48 3.33
N TYR A 151 -13.68 -38.58 2.41
CA TYR A 151 -14.68 -38.01 1.53
C TYR A 151 -14.10 -38.01 0.12
N ARG A 152 -14.97 -38.12 -0.90
CA ARG A 152 -14.56 -38.16 -2.30
C ARG A 152 -13.92 -36.87 -2.74
N VAL A 153 -12.79 -37.01 -3.42
CA VAL A 153 -11.98 -35.90 -3.92
C VAL A 153 -11.92 -36.00 -5.45
N GLY A 154 -11.44 -34.95 -6.08
CA GLY A 154 -11.29 -34.85 -7.53
C GLY A 154 -12.61 -34.90 -8.25
N THR A 155 -12.61 -35.51 -9.45
CA THR A 155 -13.80 -35.67 -10.26
C THR A 155 -14.88 -36.47 -9.49
N PHE A 156 -14.46 -37.48 -8.75
CA PHE A 156 -15.38 -38.37 -7.98
C PHE A 156 -16.17 -37.63 -6.93
N GLY A 157 -15.57 -36.61 -6.33
CA GLY A 157 -16.23 -35.83 -5.30
C GLY A 157 -16.87 -34.54 -5.76
N PHE A 158 -16.33 -33.89 -6.83
CA PHE A 158 -16.79 -32.55 -7.18
C PHE A 158 -17.06 -32.26 -8.69
N LEU A 159 -16.94 -33.27 -9.58
CA LEU A 159 -17.35 -33.07 -10.98
C LEU A 159 -18.86 -32.81 -11.00
N ALA A 160 -19.24 -31.67 -11.53
CA ALA A 160 -20.63 -31.26 -11.58
C ALA A 160 -21.09 -30.86 -12.95
N LEU A 161 -22.32 -31.28 -13.28
CA LEU A 161 -23.07 -30.79 -14.45
C LEU A 161 -24.28 -30.17 -13.77
N PRO A 162 -24.13 -28.91 -13.29
CA PRO A 162 -25.18 -28.32 -12.44
C PRO A 162 -26.57 -28.34 -13.06
N GLY A 163 -27.54 -28.79 -12.28
CA GLY A 163 -28.92 -28.93 -12.70
C GLY A 163 -29.29 -30.36 -13.05
N SER A 164 -28.28 -31.21 -13.29
CA SER A 164 -28.50 -32.63 -13.58
C SER A 164 -28.79 -33.37 -12.27
N ARG A 165 -29.36 -34.58 -12.37
CA ARG A 165 -29.62 -35.38 -11.18
C ARG A 165 -28.49 -36.38 -10.95
N GLU A 166 -27.77 -36.76 -12.03
CA GLU A 166 -26.70 -37.77 -12.03
C GLU A 166 -25.37 -37.26 -11.50
N ALA A 167 -25.05 -35.98 -11.74
CA ALA A 167 -23.84 -35.29 -11.32
C ALA A 167 -24.20 -33.87 -10.80
N PRO A 168 -24.88 -33.76 -9.63
CA PRO A 168 -25.30 -32.42 -9.17
C PRO A 168 -24.19 -31.54 -8.59
N GLY A 169 -23.06 -32.15 -8.27
CA GLY A 169 -21.93 -31.51 -7.65
C GLY A 169 -22.01 -31.53 -6.13
N ASN A 170 -20.89 -31.17 -5.47
CA ASN A 170 -20.72 -31.07 -4.02
C ASN A 170 -20.89 -32.40 -3.27
N VAL A 171 -20.79 -33.54 -3.99
CA VAL A 171 -21.05 -34.86 -3.37
C VAL A 171 -19.99 -35.21 -2.32
N GLY A 172 -18.78 -34.69 -2.47
CA GLY A 172 -17.72 -34.83 -1.46
C GLY A 172 -18.07 -34.13 -0.16
N LEU A 173 -18.84 -33.02 -0.24
CA LEU A 173 -19.32 -32.26 0.92
C LEU A 173 -20.48 -33.02 1.57
N LEU A 174 -21.28 -33.71 0.76
CA LEU A 174 -22.38 -34.55 1.22
C LEU A 174 -21.86 -35.79 1.97
N ASP A 175 -20.71 -36.34 1.53
CA ASP A 175 -20.03 -37.47 2.20
C ASP A 175 -19.64 -37.00 3.61
N GLN A 176 -19.05 -35.80 3.73
CA GLN A 176 -18.67 -35.17 5.01
C GLN A 176 -19.91 -34.99 5.91
N ARG A 177 -21.01 -34.48 5.33
CA ARG A 177 -22.29 -34.27 6.02
C ARG A 177 -22.87 -35.58 6.54
N LEU A 178 -22.77 -36.67 5.73
CA LEU A 178 -23.25 -38.00 6.14
C LEU A 178 -22.44 -38.55 7.34
N ALA A 179 -21.11 -38.28 7.42
CA ALA A 179 -20.27 -38.66 8.55
C ALA A 179 -20.69 -37.83 9.78
N LEU A 180 -21.05 -36.54 9.57
CA LEU A 180 -21.56 -35.68 10.65
C LEU A 180 -22.87 -36.25 11.23
N GLN A 181 -23.78 -36.73 10.35
CA GLN A 181 -25.06 -37.36 10.72
C GLN A 181 -24.79 -38.69 11.44
N TRP A 182 -23.78 -39.48 10.98
CA TRP A 182 -23.38 -40.73 11.58
C TRP A 182 -22.94 -40.48 13.00
N VAL A 183 -22.16 -39.40 13.21
CA VAL A 183 -21.64 -39.01 14.53
C VAL A 183 -22.82 -38.71 15.46
N GLN A 184 -23.80 -37.90 15.00
CA GLN A 184 -25.01 -37.56 15.78
C GLN A 184 -25.73 -38.79 16.27
N GLU A 185 -25.88 -39.77 15.40
CA GLU A 185 -26.60 -40.96 15.77
C GLU A 185 -25.86 -41.94 16.64
N ASN A 186 -24.53 -42.13 16.38
CA ASN A 186 -23.73 -43.21 16.93
C ASN A 186 -22.61 -42.89 17.92
N ILE A 187 -22.16 -41.62 17.99
CA ILE A 187 -21.02 -41.26 18.82
C ILE A 187 -21.25 -41.53 20.32
N ALA A 188 -22.52 -41.49 20.79
CA ALA A 188 -22.81 -41.82 22.20
C ALA A 188 -22.33 -43.24 22.57
N ALA A 189 -22.34 -44.20 21.59
CA ALA A 189 -21.88 -45.60 21.76
C ALA A 189 -20.39 -45.69 22.13
N PHE A 190 -19.65 -44.62 21.84
CA PHE A 190 -18.20 -44.52 22.09
C PHE A 190 -17.90 -43.64 23.32
N GLY A 191 -18.94 -43.04 23.91
CA GLY A 191 -18.81 -42.13 25.03
C GLY A 191 -18.69 -40.69 24.61
N GLY A 192 -19.02 -40.42 23.34
CA GLY A 192 -19.00 -39.09 22.77
C GLY A 192 -20.27 -38.33 23.02
N ASP A 193 -20.15 -36.99 23.18
CA ASP A 193 -21.31 -36.13 23.41
C ASP A 193 -21.80 -35.59 22.06
N PRO A 194 -22.97 -36.04 21.55
CA PRO A 194 -23.43 -35.49 20.24
C PRO A 194 -23.86 -34.04 20.34
N MET A 195 -24.06 -33.55 21.58
CA MET A 195 -24.46 -32.18 21.84
C MET A 195 -23.28 -31.22 21.99
N SER A 196 -22.05 -31.71 21.74
CA SER A 196 -20.83 -30.92 21.76
C SER A 196 -19.87 -31.50 20.71
N VAL A 197 -20.09 -31.06 19.45
CA VAL A 197 -19.33 -31.47 18.28
C VAL A 197 -18.64 -30.24 17.67
N THR A 198 -17.30 -30.27 17.61
CA THR A 198 -16.46 -29.22 17.00
C THR A 198 -15.86 -29.78 15.70
N LEU A 199 -16.06 -29.07 14.60
CA LEU A 199 -15.46 -29.42 13.32
C LEU A 199 -14.13 -28.73 13.26
N PHE A 200 -13.11 -29.45 12.79
CA PHE A 200 -11.82 -28.82 12.60
C PHE A 200 -11.18 -29.36 11.30
N GLY A 201 -10.49 -28.48 10.58
CA GLY A 201 -9.89 -28.86 9.34
C GLY A 201 -8.84 -27.87 8.89
N GLU A 202 -7.99 -28.29 7.93
CA GLU A 202 -6.96 -27.44 7.40
C GLU A 202 -7.02 -27.42 5.87
N SER A 203 -6.66 -26.26 5.24
CA SER A 203 -6.66 -26.01 3.80
C SER A 203 -8.06 -26.31 3.23
N ALA A 204 -8.22 -27.27 2.27
CA ALA A 204 -9.52 -27.61 1.71
C ALA A 204 -10.49 -28.15 2.80
N GLY A 205 -9.94 -28.68 3.89
CA GLY A 205 -10.69 -29.18 5.04
C GLY A 205 -11.32 -28.04 5.82
N ALA A 206 -10.60 -26.91 5.95
CA ALA A 206 -11.04 -25.67 6.60
C ALA A 206 -12.06 -25.01 5.71
N ALA A 207 -11.86 -25.05 4.37
CA ALA A 207 -12.84 -24.50 3.43
C ALA A 207 -14.14 -25.33 3.58
N SER A 208 -14.02 -26.68 3.70
CA SER A 208 -15.13 -27.63 3.93
C SER A 208 -15.88 -27.28 5.21
N VAL A 209 -15.17 -27.10 6.34
CA VAL A 209 -15.74 -26.66 7.64
C VAL A 209 -16.56 -25.36 7.42
N GLY A 210 -15.97 -24.40 6.68
CA GLY A 210 -16.62 -23.13 6.34
C GLY A 210 -17.90 -23.32 5.56
N MET A 211 -17.92 -24.29 4.66
CA MET A 211 -19.13 -24.56 3.88
C MET A 211 -20.22 -25.27 4.70
N HIS A 212 -19.84 -25.99 5.78
CA HIS A 212 -20.81 -26.57 6.69
C HIS A 212 -21.45 -25.45 7.55
N ILE A 213 -20.69 -24.36 7.87
CA ILE A 213 -21.21 -23.16 8.58
C ILE A 213 -22.24 -22.44 7.70
N LEU A 214 -22.00 -22.41 6.37
CA LEU A 214 -22.84 -21.70 5.40
C LEU A 214 -23.96 -22.53 4.77
N SER A 215 -24.11 -23.83 5.13
CA SER A 215 -25.18 -24.68 4.62
C SER A 215 -26.07 -25.15 5.76
N LEU A 216 -27.33 -24.66 5.80
CA LEU A 216 -28.28 -24.92 6.88
C LEU A 216 -28.43 -26.38 7.28
N PRO A 217 -28.59 -27.39 6.36
CA PRO A 217 -28.72 -28.78 6.85
C PRO A 217 -27.52 -29.29 7.66
N SER A 218 -26.34 -28.65 7.51
CA SER A 218 -25.14 -29.04 8.25
C SER A 218 -25.08 -28.42 9.64
N ARG A 219 -25.67 -27.22 9.81
CA ARG A 219 -25.65 -26.46 11.06
CA ARG A 219 -25.59 -26.48 11.07
C ARG A 219 -26.16 -27.21 12.28
N SER A 220 -27.12 -28.11 12.12
CA SER A 220 -27.70 -28.90 13.22
C SER A 220 -26.82 -30.10 13.63
N LEU A 221 -25.65 -30.29 12.97
CA LEU A 221 -24.76 -31.41 13.16
C LEU A 221 -23.48 -31.07 13.91
N PHE A 222 -23.29 -29.79 14.24
CA PHE A 222 -22.09 -29.30 14.97
C PHE A 222 -22.41 -28.01 15.70
N HIS A 223 -21.56 -27.66 16.66
CA HIS A 223 -21.77 -26.53 17.55
C HIS A 223 -20.69 -25.46 17.46
N ARG A 224 -19.48 -25.86 17.07
CA ARG A 224 -18.30 -24.99 16.97
C ARG A 224 -17.44 -25.41 15.78
N ALA A 225 -16.52 -24.53 15.37
CA ALA A 225 -15.70 -24.76 14.19
C ALA A 225 -14.30 -24.13 14.28
N VAL A 226 -13.31 -24.83 13.69
CA VAL A 226 -11.91 -24.44 13.57
C VAL A 226 -11.54 -24.50 12.08
N LEU A 227 -11.11 -23.36 11.53
CA LEU A 227 -10.69 -23.23 10.14
C LEU A 227 -9.21 -22.87 10.14
N GLN A 228 -8.37 -23.87 9.84
CA GLN A 228 -6.92 -23.70 9.81
C GLN A 228 -6.45 -23.50 8.39
N SER A 229 -5.90 -22.30 8.06
CA SER A 229 -5.32 -22.01 6.74
C SER A 229 -6.24 -22.33 5.53
N GLY A 230 -7.49 -21.93 5.62
CA GLY A 230 -8.46 -22.16 4.57
C GLY A 230 -9.80 -21.60 4.98
N THR A 231 -10.62 -21.22 3.98
CA THR A 231 -11.91 -20.57 4.17
C THR A 231 -12.88 -20.92 3.05
N PRO A 232 -14.22 -20.81 3.23
CA PRO A 232 -15.15 -21.08 2.10
C PRO A 232 -15.10 -19.98 1.03
N ASN A 233 -14.84 -18.71 1.46
CA ASN A 233 -14.66 -17.55 0.61
C ASN A 233 -13.21 -17.62 0.02
N GLY A 234 -12.91 -16.76 -0.95
CA GLY A 234 -11.57 -16.79 -1.54
C GLY A 234 -11.56 -17.33 -2.96
N PRO A 235 -10.40 -17.26 -3.64
CA PRO A 235 -10.40 -17.54 -5.09
C PRO A 235 -10.34 -18.99 -5.56
N TRP A 236 -10.12 -19.95 -4.65
CA TRP A 236 -9.94 -21.34 -5.04
C TRP A 236 -10.95 -22.35 -4.50
N ALA A 237 -11.63 -22.01 -3.35
CA ALA A 237 -12.50 -22.97 -2.63
C ALA A 237 -13.81 -23.31 -3.33
N THR A 238 -14.29 -22.47 -4.28
CA THR A 238 -15.54 -22.68 -5.03
C THR A 238 -15.41 -22.25 -6.47
N VAL A 239 -16.39 -22.66 -7.28
CA VAL A 239 -16.52 -22.26 -8.70
C VAL A 239 -18.00 -22.03 -8.93
N SER A 240 -18.32 -21.25 -9.96
CA SER A 240 -19.68 -20.97 -10.37
C SER A 240 -20.20 -22.22 -11.05
N ALA A 241 -21.52 -22.29 -11.23
CA ALA A 241 -22.15 -23.39 -11.92
C ALA A 241 -21.66 -23.44 -13.39
N GLY A 242 -21.51 -22.29 -14.03
CA GLY A 242 -21.04 -22.19 -15.41
C GLY A 242 -19.64 -22.74 -15.62
N GLU A 243 -18.70 -22.39 -14.70
CA GLU A 243 -17.32 -22.84 -14.72
C GLU A 243 -17.19 -24.35 -14.44
N ALA A 244 -17.97 -24.88 -13.47
CA ALA A 244 -18.02 -26.33 -13.16
C ALA A 244 -18.53 -27.12 -14.37
N ARG A 245 -19.56 -26.58 -15.07
CA ARG A 245 -20.13 -27.18 -16.27
C ARG A 245 -19.06 -27.24 -17.39
N ARG A 246 -18.35 -26.12 -17.61
CA ARG A 246 -17.26 -26.00 -18.60
C ARG A 246 -16.15 -27.06 -18.34
N ARG A 247 -15.66 -27.16 -17.08
CA ARG A 247 -14.62 -28.09 -16.67
C ARG A 247 -15.04 -29.55 -16.81
N ALA A 248 -16.30 -29.88 -16.44
CA ALA A 248 -16.82 -31.24 -16.56
C ALA A 248 -17.00 -31.65 -18.00
N THR A 249 -17.41 -30.71 -18.87
CA THR A 249 -17.60 -30.94 -20.30
C THR A 249 -16.25 -31.15 -21.00
N LEU A 250 -15.23 -30.35 -20.63
CA LEU A 250 -13.88 -30.47 -21.17
C LEU A 250 -13.25 -31.82 -20.74
N LEU A 251 -13.38 -32.20 -19.45
CA LEU A 251 -12.85 -33.46 -18.99
C LEU A 251 -13.49 -34.62 -19.72
N ALA A 252 -14.82 -34.58 -19.92
CA ALA A 252 -15.54 -35.61 -20.67
C ALA A 252 -14.95 -35.75 -22.08
N ARG A 253 -14.75 -34.63 -22.80
CA ARG A 253 -14.13 -34.64 -24.15
C ARG A 253 -12.75 -35.29 -24.12
N LEU A 254 -11.89 -34.87 -23.15
CA LEU A 254 -10.53 -35.39 -22.97
C LEU A 254 -10.47 -36.90 -22.80
N VAL A 255 -11.51 -37.51 -22.23
CA VAL A 255 -11.60 -38.96 -22.02
C VAL A 255 -12.51 -39.64 -23.07
N GLY A 256 -12.88 -38.93 -24.11
CA GLY A 256 -13.68 -39.50 -25.19
C GLY A 256 -15.17 -39.66 -24.92
N CYS A 257 -15.74 -38.75 -24.13
CA CYS A 257 -17.16 -38.71 -23.80
C CYS A 257 -17.68 -37.38 -24.27
N PRO A 258 -17.92 -37.22 -25.57
CA PRO A 258 -18.34 -35.90 -26.02
C PRO A 258 -19.86 -35.67 -25.89
N PRO A 259 -20.28 -34.42 -25.53
CA PRO A 259 -21.74 -34.15 -25.46
C PRO A 259 -22.35 -34.00 -26.86
N ASN A 265 -27.08 -33.27 -24.00
CA ASN A 265 -27.75 -34.01 -22.91
C ASN A 265 -26.73 -34.48 -21.86
N ASP A 266 -26.99 -34.11 -20.58
CA ASP A 266 -26.15 -34.46 -19.42
C ASP A 266 -26.18 -35.95 -19.12
N THR A 267 -27.37 -36.59 -19.23
CA THR A 267 -27.56 -38.02 -18.92
C THR A 267 -26.59 -38.88 -19.70
N GLU A 268 -26.50 -38.64 -21.00
CA GLU A 268 -25.66 -39.36 -21.95
C GLU A 268 -24.16 -39.16 -21.64
N LEU A 269 -23.74 -37.91 -21.33
CA LEU A 269 -22.36 -37.53 -20.99
C LEU A 269 -21.89 -38.17 -19.68
N ILE A 270 -22.72 -38.08 -18.61
CA ILE A 270 -22.41 -38.63 -17.28
C ILE A 270 -22.37 -40.15 -17.35
N ALA A 271 -23.25 -40.77 -18.16
CA ALA A 271 -23.27 -42.22 -18.29
C ALA A 271 -21.94 -42.72 -18.88
N CYS A 272 -21.40 -41.99 -19.87
CA CYS A 272 -20.12 -42.29 -20.48
C CYS A 272 -18.98 -42.10 -19.48
N LEU A 273 -19.02 -41.03 -18.67
CA LEU A 273 -17.99 -40.77 -17.66
C LEU A 273 -17.96 -41.90 -16.65
N ARG A 274 -19.14 -42.45 -16.31
CA ARG A 274 -19.29 -43.57 -15.37
C ARG A 274 -18.70 -44.87 -15.92
N THR A 275 -18.47 -44.95 -17.23
CA THR A 275 -17.85 -46.15 -17.82
C THR A 275 -16.33 -46.06 -17.82
N ARG A 276 -15.77 -44.88 -17.52
CA ARG A 276 -14.33 -44.67 -17.58
C ARG A 276 -13.60 -45.19 -16.37
N PRO A 277 -12.45 -45.89 -16.56
CA PRO A 277 -11.67 -46.31 -15.40
C PRO A 277 -11.27 -45.09 -14.58
N ALA A 278 -11.23 -45.21 -13.26
CA ALA A 278 -10.90 -44.14 -12.32
C ALA A 278 -9.62 -43.38 -12.66
N GLN A 279 -8.59 -44.10 -13.12
CA GLN A 279 -7.28 -43.54 -13.46
C GLN A 279 -7.35 -42.65 -14.69
N ASP A 280 -8.24 -42.94 -15.64
CA ASP A 280 -8.42 -42.10 -16.83
C ASP A 280 -8.87 -40.68 -16.43
N LEU A 281 -9.80 -40.57 -15.49
CA LEU A 281 -10.33 -39.32 -14.98
C LEU A 281 -9.25 -38.55 -14.23
N VAL A 282 -8.45 -39.25 -13.38
CA VAL A 282 -7.31 -38.67 -12.63
C VAL A 282 -6.19 -38.17 -13.59
N ASP A 283 -5.91 -38.90 -14.68
CA ASP A 283 -4.89 -38.56 -15.67
C ASP A 283 -5.13 -37.23 -16.38
N HIS A 284 -6.40 -36.81 -16.47
CA HIS A 284 -6.81 -35.59 -17.15
C HIS A 284 -7.33 -34.48 -16.27
N GLU A 285 -7.44 -34.69 -14.95
CA GLU A 285 -8.11 -33.71 -14.08
C GLU A 285 -7.43 -32.35 -14.08
N TRP A 286 -6.12 -32.30 -14.17
CA TRP A 286 -5.36 -31.04 -14.18
C TRP A 286 -5.48 -30.25 -15.50
N HIS A 287 -5.84 -30.94 -16.60
CA HIS A 287 -5.92 -30.35 -17.94
C HIS A 287 -7.13 -29.43 -18.19
N VAL A 288 -8.03 -29.22 -17.20
CA VAL A 288 -9.26 -28.44 -17.38
C VAL A 288 -9.17 -27.04 -16.76
N LEU A 289 -8.09 -26.72 -16.03
CA LEU A 289 -7.89 -25.40 -15.43
C LEU A 289 -7.80 -24.34 -16.54
N PRO A 290 -8.52 -23.19 -16.39
CA PRO A 290 -8.57 -22.20 -17.49
C PRO A 290 -7.28 -21.45 -17.78
N GLN A 291 -6.35 -21.38 -16.82
CA GLN A 291 -5.07 -20.69 -17.01
C GLN A 291 -3.94 -21.46 -16.36
N GLU A 292 -2.70 -21.05 -16.67
CA GLU A 292 -1.49 -21.52 -16.01
C GLU A 292 -1.64 -20.85 -14.63
N SER A 293 -1.76 -21.66 -13.59
CA SER A 293 -2.01 -21.12 -12.26
C SER A 293 -1.38 -21.93 -11.16
N ILE A 294 -1.38 -21.40 -9.94
CA ILE A 294 -0.94 -22.07 -8.72
C ILE A 294 -2.04 -21.77 -7.72
N PHE A 295 -2.25 -22.71 -6.77
CA PHE A 295 -3.30 -22.64 -5.75
C PHE A 295 -4.70 -22.64 -6.40
N ARG A 296 -4.87 -23.43 -7.45
CA ARG A 296 -6.13 -23.61 -8.16
C ARG A 296 -6.30 -25.11 -8.40
N PHE A 297 -7.49 -25.62 -8.09
CA PHE A 297 -7.80 -27.03 -8.21
C PHE A 297 -9.02 -27.16 -9.12
N SER A 298 -9.00 -28.18 -9.98
CA SER A 298 -10.00 -28.39 -11.01
C SER A 298 -11.43 -28.69 -10.53
N PHE A 299 -11.60 -29.65 -9.60
CA PHE A 299 -12.91 -30.06 -9.14
C PHE A 299 -13.06 -29.76 -7.68
N VAL A 300 -13.77 -28.67 -7.41
CA VAL A 300 -13.95 -28.10 -6.06
C VAL A 300 -15.46 -27.85 -5.83
N PRO A 301 -15.90 -27.50 -4.59
CA PRO A 301 -17.32 -27.18 -4.39
C PRO A 301 -17.88 -26.19 -5.41
N VAL A 302 -19.11 -26.44 -5.89
CA VAL A 302 -19.79 -25.57 -6.85
C VAL A 302 -20.90 -24.75 -6.15
N VAL A 303 -21.09 -23.48 -6.57
CA VAL A 303 -22.18 -22.63 -6.08
C VAL A 303 -23.41 -23.13 -6.86
N ASP A 304 -24.09 -24.11 -6.29
CA ASP A 304 -25.19 -24.82 -6.93
C ASP A 304 -26.58 -24.23 -6.69
N GLY A 305 -26.71 -23.37 -5.68
CA GLY A 305 -28.00 -22.82 -5.27
C GLY A 305 -28.76 -23.80 -4.39
N ASP A 306 -28.08 -24.90 -3.96
CA ASP A 306 -28.62 -25.99 -3.13
C ASP A 306 -27.77 -26.13 -1.85
N PHE A 307 -26.60 -26.82 -1.90
CA PHE A 307 -25.68 -26.93 -0.75
C PHE A 307 -25.24 -25.50 -0.41
N LEU A 308 -24.82 -24.73 -1.42
CA LEU A 308 -24.47 -23.33 -1.27
C LEU A 308 -25.56 -22.53 -1.96
N SER A 309 -26.46 -21.93 -1.17
CA SER A 309 -27.60 -21.15 -1.66
C SER A 309 -27.15 -19.91 -2.44
N ASP A 310 -25.91 -19.48 -2.19
CA ASP A 310 -25.29 -18.35 -2.87
C ASP A 310 -23.78 -18.48 -2.70
N THR A 311 -22.99 -17.56 -3.27
CA THR A 311 -21.53 -17.60 -3.15
C THR A 311 -21.16 -17.48 -1.67
N PRO A 312 -20.05 -18.12 -1.18
CA PRO A 312 -19.64 -17.93 0.21
C PRO A 312 -19.44 -16.46 0.60
N GLU A 313 -19.06 -15.58 -0.36
CA GLU A 313 -18.89 -14.13 -0.11
CA GLU A 313 -18.89 -14.14 -0.10
C GLU A 313 -20.25 -13.52 0.28
N ALA A 314 -21.32 -13.84 -0.49
CA ALA A 314 -22.66 -13.34 -0.20
C ALA A 314 -23.16 -13.88 1.13
N LEU A 315 -22.99 -15.18 1.37
CA LEU A 315 -23.41 -15.88 2.59
C LEU A 315 -22.69 -15.36 3.85
N ILE A 316 -21.36 -15.13 3.80
CA ILE A 316 -20.62 -14.60 4.95
C ILE A 316 -21.02 -13.13 5.25
N ASN A 317 -21.40 -12.34 4.21
CA ASN A 317 -21.78 -10.93 4.34
C ASN A 317 -23.20 -10.73 4.85
N THR A 318 -24.11 -11.69 4.61
CA THR A 318 -25.52 -11.57 5.02
C THR A 318 -25.97 -12.50 6.15
N GLY A 319 -25.13 -13.44 6.54
CA GLY A 319 -25.47 -14.40 7.58
C GLY A 319 -25.49 -13.87 9.00
N ASP A 320 -26.32 -14.50 9.85
CA ASP A 320 -26.44 -14.24 11.29
C ASP A 320 -25.64 -15.37 11.94
N PHE A 321 -24.50 -15.01 12.56
CA PHE A 321 -23.58 -16.00 13.16
C PHE A 321 -23.50 -15.92 14.67
N GLN A 322 -24.54 -15.30 15.28
CA GLN A 322 -24.75 -15.07 16.70
C GLN A 322 -24.43 -16.30 17.59
N ASP A 323 -24.96 -17.45 17.18
CA ASP A 323 -24.85 -18.75 17.87
C ASP A 323 -23.54 -19.51 17.66
N LEU A 324 -22.53 -18.88 17.03
CA LEU A 324 -21.29 -19.55 16.64
C LEU A 324 -19.99 -19.07 17.26
N GLN A 325 -19.11 -20.03 17.61
CA GLN A 325 -17.76 -19.82 18.10
C GLN A 325 -16.83 -20.44 17.06
N VAL A 326 -15.88 -19.65 16.59
CA VAL A 326 -14.96 -20.03 15.54
C VAL A 326 -13.53 -19.70 15.94
N LEU A 327 -12.62 -20.64 15.70
CA LEU A 327 -11.20 -20.48 15.86
C LEU A 327 -10.62 -20.51 14.42
N VAL A 328 -9.93 -19.44 14.01
CA VAL A 328 -9.37 -19.31 12.67
C VAL A 328 -7.89 -18.92 12.75
N GLY A 329 -7.14 -19.29 11.73
CA GLY A 329 -5.76 -18.87 11.70
C GLY A 329 -5.02 -19.29 10.48
N VAL A 330 -3.75 -18.87 10.46
CA VAL A 330 -2.84 -19.05 9.34
C VAL A 330 -1.46 -19.46 9.85
N VAL A 331 -0.61 -19.95 8.94
CA VAL A 331 0.81 -20.25 9.22
C VAL A 331 1.63 -19.07 8.70
N LYS A 332 2.89 -18.96 9.12
CA LYS A 332 3.75 -17.86 8.75
C LYS A 332 4.00 -17.72 7.22
N ASP A 333 4.12 -18.87 6.50
CA ASP A 333 4.45 -18.88 5.07
C ASP A 333 3.53 -19.76 4.23
N GLU A 334 2.29 -19.32 4.13
CA GLU A 334 1.20 -20.00 3.42
C GLU A 334 1.47 -20.32 1.95
N GLY A 335 2.13 -19.41 1.24
CA GLY A 335 2.37 -19.55 -0.19
C GLY A 335 3.67 -20.17 -0.64
N SER A 336 4.65 -20.30 0.25
CA SER A 336 5.99 -20.78 -0.11
C SER A 336 5.99 -22.11 -0.87
N TYR A 337 5.25 -23.11 -0.39
CA TYR A 337 5.18 -24.41 -1.05
C TYR A 337 4.63 -24.33 -2.46
N PHE A 338 3.57 -23.56 -2.66
CA PHE A 338 2.91 -23.43 -3.97
C PHE A 338 3.83 -22.91 -5.09
N LEU A 339 4.95 -22.30 -4.73
CA LEU A 339 5.90 -21.76 -5.70
C LEU A 339 6.79 -22.82 -6.34
N VAL A 340 7.04 -23.95 -5.62
CA VAL A 340 7.93 -25.00 -6.12
C VAL A 340 7.35 -25.79 -7.27
N TYR A 341 6.02 -25.95 -7.39
CA TYR A 341 5.65 -26.63 -8.63
C TYR A 341 5.52 -25.68 -9.83
N GLY A 342 4.63 -24.70 -9.74
CA GLY A 342 4.31 -23.80 -10.86
C GLY A 342 5.06 -22.54 -11.20
N VAL A 343 5.96 -22.04 -10.32
CA VAL A 343 6.62 -20.79 -10.68
C VAL A 343 8.08 -21.00 -11.16
N PRO A 344 8.40 -20.61 -12.41
CA PRO A 344 9.81 -20.72 -12.87
C PRO A 344 10.73 -19.88 -11.99
N GLY A 345 11.87 -20.47 -11.63
CA GLY A 345 12.89 -19.86 -10.79
C GLY A 345 12.92 -20.42 -9.38
N PHE A 346 11.89 -21.21 -9.01
CA PHE A 346 11.74 -21.78 -7.68
C PHE A 346 12.08 -23.24 -7.62
N SER A 347 12.74 -23.64 -6.53
CA SER A 347 13.17 -25.01 -6.28
C SER A 347 13.32 -25.25 -4.80
N LYS A 348 13.05 -26.49 -4.34
CA LYS A 348 13.24 -26.86 -2.94
C LYS A 348 14.75 -27.13 -2.70
N ASP A 349 15.52 -27.33 -3.80
CA ASP A 349 16.93 -27.71 -3.79
C ASP A 349 17.92 -26.54 -3.90
N ASN A 350 17.43 -25.29 -4.13
CA ASN A 350 18.25 -24.07 -4.15
C ASN A 350 17.56 -22.99 -3.33
N GLU A 351 18.20 -21.81 -3.16
CA GLU A 351 17.66 -20.70 -2.35
C GLU A 351 16.55 -19.89 -3.05
N SER A 352 16.22 -20.23 -4.31
CA SER A 352 15.17 -19.62 -5.12
C SER A 352 15.24 -18.08 -5.19
N LEU A 353 16.44 -17.53 -5.33
CA LEU A 353 16.62 -16.10 -5.48
C LEU A 353 16.25 -15.80 -6.93
N ILE A 354 15.12 -15.12 -7.14
CA ILE A 354 14.55 -14.82 -8.45
C ILE A 354 14.81 -13.40 -8.91
N SER A 355 14.63 -13.17 -10.23
CA SER A 355 14.79 -11.86 -10.87
C SER A 355 13.44 -11.12 -10.85
N ARG A 356 13.44 -9.83 -11.20
CA ARG A 356 12.23 -9.02 -11.29
C ARG A 356 11.31 -9.62 -12.36
N ALA A 357 11.88 -9.99 -13.54
CA ALA A 357 11.12 -10.61 -14.62
C ALA A 357 10.38 -11.86 -14.15
N GLN A 358 11.07 -12.75 -13.39
CA GLN A 358 10.52 -13.99 -12.81
C GLN A 358 9.45 -13.68 -11.78
N PHE A 359 9.56 -12.51 -11.07
CA PHE A 359 8.57 -12.06 -10.10
C PHE A 359 7.28 -11.63 -10.82
N LEU A 360 7.37 -10.76 -11.85
CA LEU A 360 6.22 -10.30 -12.63
C LEU A 360 5.48 -11.47 -13.26
N ALA A 361 6.24 -12.44 -13.82
CA ALA A 361 5.72 -13.66 -14.41
C ALA A 361 5.01 -14.53 -13.38
N GLY A 362 5.61 -14.62 -12.18
CA GLY A 362 5.05 -15.36 -11.04
C GLY A 362 3.72 -14.78 -10.61
N VAL A 363 3.62 -13.43 -10.53
CA VAL A 363 2.39 -12.73 -10.14
C VAL A 363 1.22 -13.12 -11.07
N ARG A 364 1.47 -13.29 -12.39
CA ARG A 364 0.47 -13.72 -13.38
C ARG A 364 -0.03 -15.14 -13.14
N ILE A 365 0.85 -16.05 -12.71
CA ILE A 365 0.53 -17.46 -12.40
C ILE A 365 -0.17 -17.53 -11.02
N GLY A 366 0.28 -16.73 -10.08
CA GLY A 366 -0.21 -16.65 -8.70
C GLY A 366 -1.54 -15.92 -8.56
N VAL A 367 -1.86 -14.99 -9.50
CA VAL A 367 -3.14 -14.28 -9.50
C VAL A 367 -3.70 -14.47 -10.94
N PRO A 368 -4.11 -15.71 -11.32
CA PRO A 368 -4.48 -15.96 -12.73
C PRO A 368 -5.67 -15.22 -13.27
N GLN A 369 -6.57 -14.84 -12.38
CA GLN A 369 -7.80 -14.15 -12.75
CA GLN A 369 -7.80 -14.12 -12.71
C GLN A 369 -7.55 -12.63 -12.97
N ALA A 370 -6.37 -12.12 -12.56
CA ALA A 370 -5.97 -10.71 -12.67
C ALA A 370 -5.70 -10.21 -14.07
N SER A 371 -6.23 -9.02 -14.35
CA SER A 371 -6.01 -8.28 -15.59
C SER A 371 -4.57 -7.70 -15.53
N ASP A 372 -4.13 -7.03 -16.59
CA ASP A 372 -2.80 -6.43 -16.62
C ASP A 372 -2.65 -5.35 -15.54
N LEU A 373 -3.72 -4.53 -15.33
CA LEU A 373 -3.78 -3.46 -14.34
C LEU A 373 -3.77 -4.00 -12.91
N ALA A 374 -4.52 -5.07 -12.67
CA ALA A 374 -4.61 -5.73 -11.36
C ALA A 374 -3.28 -6.37 -11.00
N ALA A 375 -2.58 -6.97 -11.99
CA ALA A 375 -1.26 -7.59 -11.79
C ALA A 375 -0.22 -6.53 -11.49
N GLU A 376 -0.31 -5.37 -12.15
CA GLU A 376 0.60 -4.26 -11.89
C GLU A 376 0.39 -3.72 -10.49
N ALA A 377 -0.89 -3.58 -10.05
CA ALA A 377 -1.24 -3.13 -8.71
C ALA A 377 -0.63 -4.06 -7.65
N VAL A 378 -0.62 -5.40 -7.91
CA VAL A 378 -0.02 -6.42 -7.03
C VAL A 378 1.49 -6.19 -6.94
N VAL A 379 2.14 -6.11 -8.12
CA VAL A 379 3.57 -5.92 -8.26
C VAL A 379 4.04 -4.64 -7.57
N LEU A 380 3.31 -3.55 -7.77
CA LEU A 380 3.66 -2.28 -7.20
C LEU A 380 3.50 -2.27 -5.69
N HIS A 381 2.49 -2.94 -5.16
CA HIS A 381 2.23 -3.06 -3.73
C HIS A 381 3.27 -3.94 -3.02
N TYR A 382 3.70 -5.03 -3.67
CA TYR A 382 4.65 -5.99 -3.10
C TYR A 382 6.11 -5.70 -3.36
N THR A 383 6.44 -4.80 -4.31
CA THR A 383 7.82 -4.39 -4.54
C THR A 383 8.28 -3.54 -3.35
N ASP A 384 9.52 -3.72 -2.94
CA ASP A 384 10.22 -2.90 -1.96
C ASP A 384 10.91 -1.88 -2.87
N TRP A 385 10.36 -0.65 -2.96
CA TRP A 385 10.89 0.35 -3.87
C TRP A 385 12.26 0.88 -3.47
N LEU A 386 12.76 0.47 -2.30
CA LEU A 386 14.11 0.78 -1.87
C LEU A 386 15.12 -0.23 -2.47
N HIS A 387 14.69 -1.50 -2.68
CA HIS A 387 15.49 -2.61 -3.24
C HIS A 387 14.57 -3.35 -4.26
N PRO A 388 14.15 -2.71 -5.36
CA PRO A 388 13.19 -3.37 -6.28
C PRO A 388 13.69 -4.57 -7.08
N GLU A 389 15.00 -4.82 -7.08
CA GLU A 389 15.63 -5.90 -7.83
C GLU A 389 16.28 -6.94 -6.91
N ASP A 390 16.23 -6.73 -5.58
CA ASP A 390 16.80 -7.64 -4.57
C ASP A 390 16.14 -9.04 -4.68
N PRO A 391 16.92 -10.09 -5.06
CA PRO A 391 16.36 -11.43 -5.28
C PRO A 391 15.70 -12.07 -4.08
N THR A 392 16.23 -11.82 -2.86
CA THR A 392 15.66 -12.38 -1.62
C THR A 392 14.31 -11.73 -1.36
N HIS A 393 14.23 -10.39 -1.55
CA HIS A 393 12.97 -9.71 -1.35
C HIS A 393 11.92 -10.17 -2.36
N LEU A 394 12.26 -10.27 -3.65
CA LEU A 394 11.35 -10.74 -4.69
C LEU A 394 10.85 -12.16 -4.43
N ARG A 395 11.74 -13.06 -3.96
CA ARG A 395 11.40 -14.43 -3.59
C ARG A 395 10.35 -14.41 -2.47
N ASP A 396 10.58 -13.63 -1.41
CA ASP A 396 9.70 -13.53 -0.24
C ASP A 396 8.36 -12.86 -0.55
N ALA A 397 8.38 -11.89 -1.48
CA ALA A 397 7.22 -11.12 -1.97
C ALA A 397 6.33 -12.08 -2.78
N MET A 398 6.94 -12.93 -3.64
CA MET A 398 6.23 -13.93 -4.41
C MET A 398 5.46 -14.89 -3.51
N SER A 399 6.11 -15.32 -2.41
CA SER A 399 5.52 -16.23 -1.42
C SER A 399 4.34 -15.53 -0.71
N ALA A 400 4.53 -14.26 -0.31
CA ALA A 400 3.54 -13.40 0.35
C ALA A 400 2.34 -13.13 -0.58
N VAL A 401 2.52 -12.85 -1.88
CA VAL A 401 1.43 -12.66 -2.85
C VAL A 401 0.49 -13.87 -2.82
N VAL A 402 1.06 -15.09 -2.98
CA VAL A 402 0.32 -16.35 -3.02
C VAL A 402 -0.35 -16.68 -1.67
N GLY A 403 0.38 -16.46 -0.57
CA GLY A 403 -0.14 -16.70 0.77
C GLY A 403 -1.27 -15.77 1.15
N ASP A 404 -1.09 -14.46 0.86
CA ASP A 404 -2.04 -13.40 1.15
C ASP A 404 -3.31 -13.50 0.33
N HIS A 405 -3.15 -13.71 -0.98
CA HIS A 405 -4.26 -13.80 -1.92
C HIS A 405 -5.20 -14.98 -1.62
N ASN A 406 -4.60 -16.16 -1.41
CA ASN A 406 -5.30 -17.41 -1.21
C ASN A 406 -5.69 -17.77 0.21
N VAL A 407 -4.90 -17.36 1.21
CA VAL A 407 -5.20 -17.78 2.59
C VAL A 407 -5.38 -16.64 3.59
N VAL A 408 -4.33 -15.83 3.87
CA VAL A 408 -4.31 -14.79 4.91
C VAL A 408 -5.45 -13.77 4.73
N CYS A 409 -5.66 -13.27 3.51
CA CYS A 409 -6.69 -12.26 3.32
C CYS A 409 -8.08 -12.84 3.27
N PRO A 410 -8.35 -14.03 2.67
CA PRO A 410 -9.65 -14.67 2.88
C PRO A 410 -9.96 -14.95 4.36
N VAL A 411 -8.94 -15.36 5.17
CA VAL A 411 -9.07 -15.60 6.62
C VAL A 411 -9.43 -14.28 7.36
N ALA A 412 -8.76 -13.16 7.04
CA ALA A 412 -9.03 -11.84 7.63
C ALA A 412 -10.45 -11.36 7.29
N GLN A 413 -10.88 -11.58 6.03
CA GLN A 413 -12.22 -11.26 5.55
C GLN A 413 -13.25 -12.12 6.32
N LEU A 414 -12.98 -13.43 6.49
CA LEU A 414 -13.88 -14.31 7.22
C LEU A 414 -14.00 -13.89 8.69
N ALA A 415 -12.88 -13.76 9.42
CA ALA A 415 -12.84 -13.33 10.83
C ALA A 415 -13.66 -12.04 11.02
N GLY A 416 -13.43 -11.05 10.16
CA GLY A 416 -14.10 -9.75 10.17
C GLY A 416 -15.61 -9.83 10.02
N ARG A 417 -16.09 -10.53 8.97
CA ARG A 417 -17.53 -10.69 8.72
C ARG A 417 -18.21 -11.49 9.84
N LEU A 418 -17.59 -12.60 10.27
CA LEU A 418 -18.13 -13.44 11.34
C LEU A 418 -18.28 -12.61 12.64
N ALA A 419 -17.24 -11.87 13.04
CA ALA A 419 -17.23 -11.02 14.22
C ALA A 419 -18.29 -9.90 14.14
N ALA A 420 -18.38 -9.20 13.00
CA ALA A 420 -19.37 -8.15 12.76
C ALA A 420 -20.80 -8.69 12.83
N GLN A 421 -20.99 -9.98 12.48
CA GLN A 421 -22.28 -10.62 12.44
C GLN A 421 -22.60 -11.58 13.61
N GLY A 422 -22.06 -11.25 14.80
CA GLY A 422 -22.37 -11.93 16.05
C GLY A 422 -21.62 -13.16 16.51
N ALA A 423 -20.55 -13.55 15.84
CA ALA A 423 -19.84 -14.75 16.26
C ALA A 423 -18.72 -14.46 17.24
N ARG A 424 -18.32 -15.50 18.02
CA ARG A 424 -17.16 -15.40 18.88
C ARG A 424 -16.03 -15.93 18.01
N VAL A 425 -15.08 -15.07 17.66
CA VAL A 425 -13.95 -15.43 16.79
C VAL A 425 -12.66 -15.33 17.59
N TYR A 426 -11.75 -16.31 17.40
CA TYR A 426 -10.41 -16.32 17.98
C TYR A 426 -9.50 -16.56 16.82
N ALA A 427 -8.48 -15.71 16.69
CA ALA A 427 -7.58 -15.81 15.55
C ALA A 427 -6.14 -15.98 15.98
N TYR A 428 -5.35 -16.73 15.18
CA TYR A 428 -3.94 -16.95 15.46
C TYR A 428 -3.08 -16.85 14.19
N ILE A 429 -1.75 -16.80 14.41
CA ILE A 429 -0.70 -16.93 13.41
C ILE A 429 0.29 -17.96 13.99
N PHE A 430 0.50 -19.06 13.26
CA PHE A 430 1.40 -20.12 13.72
C PHE A 430 2.75 -19.83 13.07
N GLU A 431 3.77 -19.59 13.90
CA GLU A 431 5.09 -19.15 13.45
C GLU A 431 6.22 -20.10 13.77
N HIS A 432 5.91 -21.28 14.31
CA HIS A 432 6.95 -22.24 14.64
C HIS A 432 7.25 -23.22 13.51
N ARG A 433 8.53 -23.27 13.07
CA ARG A 433 9.00 -24.18 12.04
C ARG A 433 9.55 -25.44 12.72
N ALA A 434 8.94 -26.61 12.43
CA ALA A 434 9.31 -27.92 13.01
C ALA A 434 10.81 -28.16 12.81
N SER A 435 11.51 -28.51 13.88
CA SER A 435 12.95 -28.80 13.86
C SER A 435 13.27 -29.96 12.88
N THR A 436 12.25 -30.79 12.58
CA THR A 436 12.33 -31.98 11.73
C THR A 436 11.96 -31.72 10.23
N LEU A 437 11.64 -30.46 9.87
CA LEU A 437 11.23 -30.06 8.53
C LEU A 437 12.36 -30.25 7.47
N THR A 438 12.01 -30.86 6.33
CA THR A 438 12.93 -31.21 5.23
C THR A 438 12.81 -30.30 4.04
N TRP A 439 11.82 -29.38 4.06
CA TRP A 439 11.67 -28.34 3.03
C TRP A 439 12.74 -27.30 3.36
N PRO A 440 13.28 -26.56 2.37
CA PRO A 440 14.33 -25.56 2.68
C PRO A 440 13.91 -24.50 3.70
N LEU A 441 14.88 -23.82 4.32
CA LEU A 441 14.62 -22.76 5.29
C LEU A 441 13.86 -21.59 4.69
N TRP A 442 14.12 -21.25 3.40
CA TRP A 442 13.47 -20.14 2.71
C TRP A 442 11.94 -20.31 2.72
N MET A 443 11.48 -21.58 2.72
CA MET A 443 10.05 -21.89 2.73
C MET A 443 9.35 -21.58 4.07
N GLY A 444 10.13 -21.25 5.10
CA GLY A 444 9.64 -20.91 6.43
C GLY A 444 8.77 -21.95 7.06
N VAL A 445 7.54 -21.56 7.46
CA VAL A 445 6.53 -22.44 8.07
C VAL A 445 5.50 -22.66 6.95
N PRO A 446 5.64 -23.75 6.14
CA PRO A 446 4.76 -23.90 4.99
C PRO A 446 3.38 -24.41 5.36
N HIS A 447 2.47 -24.28 4.40
CA HIS A 447 1.08 -24.67 4.44
C HIS A 447 0.95 -26.13 4.90
N GLY A 448 0.29 -26.32 6.04
CA GLY A 448 0.03 -27.63 6.64
C GLY A 448 0.97 -28.06 7.73
N TYR A 449 2.00 -27.27 8.06
CA TYR A 449 3.01 -27.72 9.01
C TYR A 449 2.76 -27.32 10.49
N GLU A 450 1.52 -26.91 10.80
CA GLU A 450 1.08 -26.71 12.17
C GLU A 450 0.32 -27.96 12.63
N ILE A 451 -0.18 -28.79 11.66
CA ILE A 451 -1.08 -29.92 11.90
C ILE A 451 -0.47 -30.92 12.87
N GLU A 452 0.78 -31.35 12.64
CA GLU A 452 1.47 -32.32 13.50
C GLU A 452 1.58 -31.86 14.97
N PHE A 453 1.59 -30.53 15.21
CA PHE A 453 1.63 -29.92 16.54
C PHE A 453 0.27 -29.96 17.24
N ILE A 454 -0.83 -29.61 16.52
CA ILE A 454 -2.20 -29.65 17.04
C ILE A 454 -2.61 -31.09 17.41
N PHE A 455 -2.22 -32.09 16.57
CA PHE A 455 -2.53 -33.51 16.79
C PHE A 455 -1.63 -34.15 17.88
N GLY A 456 -0.57 -33.45 18.28
CA GLY A 456 0.33 -33.89 19.34
C GLY A 456 1.41 -34.88 18.96
N LEU A 457 1.75 -34.95 17.65
CA LEU A 457 2.81 -35.84 17.16
C LEU A 457 4.15 -35.62 17.91
N PRO A 458 4.59 -34.39 18.31
CA PRO A 458 5.83 -34.29 19.12
C PRO A 458 5.85 -35.06 20.45
N LEU A 459 4.68 -35.54 20.93
CA LEU A 459 4.61 -36.33 22.16
C LEU A 459 5.15 -37.75 21.99
N ASP A 460 5.31 -38.22 20.74
CA ASP A 460 5.90 -39.51 20.42
C ASP A 460 7.44 -39.33 20.42
N PRO A 461 8.14 -39.97 21.38
CA PRO A 461 9.61 -39.79 21.48
C PRO A 461 10.39 -40.25 20.25
N SER A 462 9.87 -41.25 19.53
CA SER A 462 10.49 -41.80 18.32
C SER A 462 10.51 -40.83 17.14
N LEU A 463 9.73 -39.72 17.18
CA LEU A 463 9.64 -38.74 16.08
C LEU A 463 10.73 -37.65 16.11
N ASN A 464 11.54 -37.66 17.18
CA ASN A 464 12.74 -36.83 17.38
C ASN A 464 12.51 -35.30 17.41
N TYR A 465 11.32 -34.83 17.86
CA TYR A 465 11.07 -33.39 18.08
C TYR A 465 11.77 -33.01 19.39
N THR A 466 12.03 -31.70 19.59
CA THR A 466 12.68 -31.21 20.80
C THR A 466 11.74 -31.24 22.02
N THR A 467 12.29 -31.11 23.24
CA THR A 467 11.52 -31.03 24.49
C THR A 467 10.58 -29.81 24.44
N GLU A 468 11.09 -28.67 23.93
CA GLU A 468 10.32 -27.42 23.77
C GLU A 468 9.14 -27.61 22.83
N GLU A 469 9.32 -28.40 21.73
CA GLU A 469 8.29 -28.76 20.75
C GLU A 469 7.21 -29.66 21.35
N ARG A 470 7.59 -30.50 22.33
CA ARG A 470 6.68 -31.39 23.05
C ARG A 470 5.79 -30.55 23.98
N ILE A 471 6.37 -29.54 24.68
CA ILE A 471 5.66 -28.64 25.60
C ILE A 471 4.68 -27.75 24.82
N PHE A 472 5.12 -27.29 23.64
CA PHE A 472 4.35 -26.46 22.75
C PHE A 472 3.17 -27.23 22.13
N ALA A 473 3.37 -28.50 21.70
CA ALA A 473 2.29 -29.34 21.17
C ALA A 473 1.22 -29.54 22.23
N GLN A 474 1.63 -29.77 23.49
CA GLN A 474 0.73 -29.93 24.64
C GLN A 474 -0.10 -28.68 24.88
N ARG A 475 0.51 -27.48 24.71
CA ARG A 475 -0.15 -26.18 24.86
C ARG A 475 -1.23 -26.05 23.79
N LEU A 476 -0.89 -26.44 22.55
CA LEU A 476 -1.78 -26.37 21.39
C LEU A 476 -2.98 -27.30 21.49
N MET A 477 -2.77 -28.52 21.98
CA MET A 477 -3.81 -29.53 22.19
C MET A 477 -4.78 -29.02 23.24
N LYS A 478 -4.27 -28.32 24.27
CA LYS A 478 -5.08 -27.68 25.31
C LYS A 478 -5.94 -26.54 24.74
N TYR A 479 -5.38 -25.69 23.82
CA TYR A 479 -6.15 -24.60 23.21
C TYR A 479 -7.33 -25.18 22.42
N TRP A 480 -7.03 -26.14 21.50
CA TRP A 480 -8.01 -26.78 20.62
C TRP A 480 -9.11 -27.51 21.37
N THR A 481 -8.75 -28.32 22.38
CA THR A 481 -9.73 -29.08 23.20
C THR A 481 -10.48 -28.18 24.19
N ASN A 482 -9.85 -27.08 24.73
CA ASN A 482 -10.62 -26.17 25.63
C ASN A 482 -11.65 -25.45 24.78
N PHE A 483 -11.27 -25.11 23.51
CA PHE A 483 -12.16 -24.48 22.54
C PHE A 483 -13.31 -25.47 22.20
N ALA A 484 -12.99 -26.76 21.95
CA ALA A 484 -14.02 -27.79 21.66
C ALA A 484 -15.01 -27.94 22.83
N ARG A 485 -14.49 -27.92 24.08
CA ARG A 485 -15.27 -28.05 25.31
C ARG A 485 -16.15 -26.85 25.62
N THR A 486 -15.61 -25.61 25.44
CA THR A 486 -16.25 -24.38 25.92
C THR A 486 -16.48 -23.24 24.92
N GLY A 487 -15.85 -23.28 23.75
CA GLY A 487 -15.94 -22.19 22.79
C GLY A 487 -14.97 -21.07 23.11
N ASP A 488 -14.00 -21.35 24.00
CA ASP A 488 -12.96 -20.43 24.44
C ASP A 488 -11.66 -21.25 24.59
N PRO A 489 -10.56 -20.90 23.87
CA PRO A 489 -9.30 -21.68 23.99
C PRO A 489 -8.54 -21.55 25.32
N ASN A 490 -8.91 -20.55 26.14
CA ASN A 490 -8.27 -20.23 27.42
C ASN A 490 -8.67 -21.19 28.51
N ASP A 491 -7.70 -21.57 29.35
CA ASP A 491 -7.95 -22.47 30.49
C ASP A 491 -8.52 -21.63 31.64
N PRO A 492 -9.72 -21.98 32.20
CA PRO A 492 -10.28 -21.15 33.28
C PRO A 492 -9.49 -21.22 34.59
N ARG A 493 -8.80 -22.32 34.83
CA ARG A 493 -8.03 -22.46 36.05
C ARG A 493 -6.61 -22.01 35.85
N ASP A 494 -6.43 -20.98 35.05
CA ASP A 494 -5.09 -20.47 34.81
C ASP A 494 -5.11 -19.04 34.36
N SER A 495 -4.55 -18.17 35.17
CA SER A 495 -4.51 -16.75 34.87
C SER A 495 -3.09 -16.34 34.58
N LYS A 496 -2.14 -17.11 35.07
CA LYS A 496 -0.74 -16.82 34.84
C LYS A 496 -0.54 -16.69 33.35
N SER A 497 -0.66 -17.81 32.66
CA SER A 497 -0.54 -17.86 31.23
C SER A 497 -1.35 -16.74 30.63
N PRO A 498 -0.73 -16.01 29.64
CA PRO A 498 -1.54 -14.91 29.10
C PRO A 498 -2.78 -15.37 28.40
N GLN A 499 -3.75 -14.50 28.29
CA GLN A 499 -5.00 -14.84 27.66
C GLN A 499 -5.06 -14.52 26.20
N TRP A 500 -5.94 -15.22 25.53
CA TRP A 500 -6.17 -15.12 24.11
C TRP A 500 -7.47 -14.33 23.99
N PRO A 501 -7.42 -13.05 23.53
CA PRO A 501 -8.66 -12.28 23.40
C PRO A 501 -9.45 -12.62 22.15
N PRO A 502 -10.80 -12.53 22.18
CA PRO A 502 -11.56 -12.75 20.94
C PRO A 502 -11.18 -11.69 19.87
N TYR A 503 -11.21 -12.07 18.60
CA TYR A 503 -10.98 -11.17 17.49
C TYR A 503 -12.25 -10.33 17.29
N THR A 504 -12.10 -9.01 17.26
CA THR A 504 -13.21 -8.08 17.04
C THR A 504 -12.90 -7.17 15.86
N THR A 505 -13.94 -6.59 15.24
CA THR A 505 -13.75 -5.64 14.13
C THR A 505 -13.06 -4.36 14.59
N ALA A 506 -13.29 -3.96 15.86
CA ALA A 506 -12.68 -2.78 16.46
C ALA A 506 -11.20 -2.96 16.75
N ALA A 507 -10.86 -3.93 17.64
CA ALA A 507 -9.51 -4.18 18.11
C ALA A 507 -8.67 -5.08 17.21
N GLN A 508 -9.29 -5.96 16.40
CA GLN A 508 -8.62 -6.88 15.47
C GLN A 508 -7.49 -7.70 16.11
N GLN A 509 -7.71 -8.15 17.35
CA GLN A 509 -6.71 -8.93 18.08
C GLN A 509 -6.60 -10.41 17.66
N TYR A 510 -5.36 -10.86 17.52
CA TYR A 510 -4.98 -12.25 17.24
C TYR A 510 -3.73 -12.59 18.03
N VAL A 511 -3.42 -13.89 18.17
CA VAL A 511 -2.24 -14.28 18.94
C VAL A 511 -1.17 -14.96 18.07
N SER A 512 0.09 -14.89 18.53
CA SER A 512 1.19 -15.62 17.91
C SER A 512 1.34 -16.98 18.62
N LEU A 513 1.35 -18.06 17.83
CA LEU A 513 1.56 -19.41 18.29
C LEU A 513 2.98 -19.85 17.89
N ASN A 514 3.90 -19.76 18.85
CA ASN A 514 5.31 -20.14 18.72
C ASN A 514 5.78 -20.68 20.06
N LEU A 515 7.08 -21.01 20.18
CA LEU A 515 7.68 -21.54 21.41
C LEU A 515 7.59 -20.58 22.60
N LYS A 516 7.44 -19.27 22.36
CA LYS A 516 7.32 -18.24 23.41
C LYS A 516 5.85 -18.17 23.88
N PRO A 517 5.54 -17.61 25.09
CA PRO A 517 4.14 -17.49 25.51
C PRO A 517 3.30 -16.64 24.57
N LEU A 518 1.96 -16.85 24.56
CA LEU A 518 1.01 -16.10 23.71
C LEU A 518 1.35 -14.62 23.68
N GLU A 519 1.37 -14.04 22.49
CA GLU A 519 1.61 -12.62 22.29
C GLU A 519 0.42 -12.11 21.49
N VAL A 520 -0.21 -11.04 21.98
CA VAL A 520 -1.38 -10.44 21.37
C VAL A 520 -0.94 -9.36 20.39
N ARG A 521 -1.38 -9.50 19.14
CA ARG A 521 -1.08 -8.56 18.06
C ARG A 521 -2.39 -8.00 17.51
N ARG A 522 -2.32 -6.84 16.84
CA ARG A 522 -3.48 -6.17 16.27
C ARG A 522 -3.39 -6.06 14.76
N GLY A 523 -4.48 -6.44 14.09
CA GLY A 523 -4.60 -6.34 12.64
C GLY A 523 -3.81 -7.42 11.94
N LEU A 524 -4.52 -8.32 11.28
CA LEU A 524 -3.93 -9.42 10.54
C LEU A 524 -3.73 -8.92 9.09
N ARG A 525 -2.47 -8.47 8.75
CA ARG A 525 -2.06 -7.81 7.49
C ARG A 525 -3.13 -6.78 7.12
N ALA A 526 -3.55 -5.95 8.08
CA ALA A 526 -4.61 -4.98 7.89
C ALA A 526 -4.50 -4.16 6.57
N GLN A 527 -3.32 -3.52 6.27
CA GLN A 527 -3.15 -2.72 5.06
C GLN A 527 -3.17 -3.53 3.76
N THR A 528 -2.41 -4.64 3.72
CA THR A 528 -2.33 -5.55 2.57
C THR A 528 -3.69 -6.23 2.30
N CYS A 529 -4.37 -6.70 3.34
CA CYS A 529 -5.65 -7.34 3.11
C CYS A 529 -6.74 -6.34 2.74
N ALA A 530 -6.56 -5.04 3.04
CA ALA A 530 -7.47 -4.01 2.55
C ALA A 530 -7.29 -3.90 1.03
N PHE A 531 -6.04 -4.11 0.53
CA PHE A 531 -5.74 -4.12 -0.89
C PHE A 531 -6.49 -5.27 -1.58
N TRP A 532 -6.28 -6.50 -1.11
CA TRP A 532 -6.92 -7.71 -1.67
C TRP A 532 -8.45 -7.73 -1.51
N ASN A 533 -8.97 -7.42 -0.32
CA ASN A 533 -10.39 -7.50 0.03
C ASN A 533 -11.25 -6.27 -0.32
N ARG A 534 -10.66 -5.08 -0.44
CA ARG A 534 -11.45 -3.89 -0.76
C ARG A 534 -11.10 -3.29 -2.09
N PHE A 535 -9.80 -3.15 -2.39
CA PHE A 535 -9.41 -2.49 -3.64
C PHE A 535 -9.47 -3.39 -4.84
N LEU A 536 -8.70 -4.48 -4.82
CA LEU A 536 -8.62 -5.41 -5.95
C LEU A 536 -9.98 -5.85 -6.50
N PRO A 537 -11.04 -6.19 -5.71
CA PRO A 537 -12.34 -6.52 -6.35
C PRO A 537 -12.85 -5.40 -7.26
N LYS A 538 -12.64 -4.11 -6.88
CA LYS A 538 -13.03 -2.89 -7.64
C LYS A 538 -12.25 -2.75 -8.95
N LEU A 539 -11.04 -3.31 -9.01
CA LEU A 539 -10.18 -3.25 -10.19
C LEU A 539 -10.49 -4.37 -11.20
N LEU A 540 -11.01 -5.49 -10.66
CA LEU A 540 -11.46 -6.67 -11.38
C LEU A 540 -13.00 -6.57 -11.64
N SER A 541 -13.60 -5.34 -11.47
CA SER A 541 -15.03 -5.03 -11.66
C SER A 541 -15.24 -3.82 -12.57
N ALA A 542 -14.83 -2.59 -12.12
CA ALA A 542 -14.94 -1.31 -12.85
C ALA A 542 -14.13 -1.29 -14.17
N THR A 543 -13.09 -2.15 -14.26
CA THR A 543 -12.24 -2.33 -15.44
C THR A 543 -11.92 -3.81 -15.67
N GLU B 4 28.68 61.44 0.28
CA GLU B 4 28.29 60.07 -0.07
C GLU B 4 29.24 59.00 0.53
N ASP B 5 28.95 57.71 0.22
CA ASP B 5 29.72 56.52 0.65
C ASP B 5 30.04 55.74 -0.62
N PRO B 6 31.33 55.63 -1.03
CA PRO B 6 31.65 54.93 -2.28
C PRO B 6 31.24 53.48 -2.32
N GLN B 7 31.07 52.84 -1.14
CA GLN B 7 30.63 51.46 -1.02
C GLN B 7 29.16 51.31 -1.46
N LEU B 8 28.40 52.42 -1.40
CA LEU B 8 27.00 52.50 -1.78
C LEU B 8 26.79 53.04 -3.20
N LEU B 9 27.88 53.39 -3.90
CA LEU B 9 27.79 53.87 -5.28
C LEU B 9 28.27 52.80 -6.27
N VAL B 10 27.38 52.40 -7.19
CA VAL B 10 27.63 51.39 -8.21
C VAL B 10 27.19 51.90 -9.58
N ARG B 11 27.95 51.53 -10.62
CA ARG B 11 27.65 51.82 -12.01
C ARG B 11 27.34 50.48 -12.71
N VAL B 12 26.08 50.33 -13.10
CA VAL B 12 25.58 49.18 -13.84
C VAL B 12 25.44 49.68 -15.32
N ARG B 13 25.21 48.76 -16.28
CA ARG B 13 25.09 49.08 -17.70
C ARG B 13 24.04 50.21 -18.02
N GLY B 14 23.02 50.36 -17.18
CA GLY B 14 21.99 51.37 -17.36
C GLY B 14 22.28 52.71 -16.72
N GLY B 15 23.28 52.79 -15.86
CA GLY B 15 23.66 54.02 -15.18
C GLY B 15 24.08 53.83 -13.73
N GLN B 16 24.21 54.93 -12.99
CA GLN B 16 24.58 54.91 -11.56
C GLN B 16 23.42 54.64 -10.63
N LEU B 17 23.71 53.96 -9.51
CA LEU B 17 22.77 53.59 -8.44
C LEU B 17 23.36 54.01 -7.13
N ARG B 18 22.50 54.24 -6.12
CA ARG B 18 22.91 54.53 -4.75
C ARG B 18 22.14 53.59 -3.84
N GLY B 19 22.88 52.76 -3.14
CA GLY B 19 22.32 51.83 -2.17
C GLY B 19 22.23 52.41 -0.77
N ILE B 20 21.96 51.55 0.18
CA ILE B 20 21.79 51.89 1.57
C ILE B 20 22.59 50.90 2.45
N ARG B 21 23.25 51.41 3.47
CA ARG B 21 23.99 50.58 4.41
C ARG B 21 22.94 50.18 5.44
N LEU B 22 22.74 48.87 5.59
CA LEU B 22 21.79 48.26 6.50
C LEU B 22 22.54 47.56 7.64
N LYS B 23 21.92 47.52 8.84
CA LYS B 23 22.49 46.87 10.01
C LYS B 23 21.95 45.46 10.13
N ALA B 24 22.85 44.49 10.12
CA ALA B 24 22.56 43.07 10.32
C ALA B 24 23.10 42.77 11.72
N PRO B 25 22.66 41.70 12.43
CA PRO B 25 23.16 41.47 13.80
C PRO B 25 24.68 41.60 13.97
N GLY B 26 25.44 40.96 13.09
CA GLY B 26 26.91 40.94 13.14
C GLY B 26 27.67 42.10 12.52
N GLY B 27 26.97 43.04 11.87
CA GLY B 27 27.60 44.18 11.24
C GLY B 27 26.90 44.71 10.01
N PRO B 28 27.45 45.76 9.34
CA PRO B 28 26.77 46.32 8.14
C PRO B 28 26.77 45.45 6.91
N VAL B 29 25.79 45.72 6.02
CA VAL B 29 25.58 45.10 4.70
C VAL B 29 25.22 46.24 3.74
N SER B 30 25.51 46.07 2.45
CA SER B 30 25.13 47.03 1.43
C SER B 30 23.88 46.44 0.75
N ALA B 31 22.84 47.25 0.60
CA ALA B 31 21.63 46.81 -0.10
C ALA B 31 21.27 47.80 -1.20
N PHE B 32 20.99 47.26 -2.40
CA PHE B 32 20.61 47.99 -3.59
C PHE B 32 19.21 47.47 -3.93
N LEU B 33 18.19 48.21 -3.47
CA LEU B 33 16.81 47.79 -3.57
C LEU B 33 16.02 48.57 -4.59
N GLY B 34 15.15 47.87 -5.32
CA GLY B 34 14.32 48.51 -6.33
C GLY B 34 15.05 48.91 -7.58
N ILE B 35 16.03 48.11 -8.04
CA ILE B 35 16.77 48.35 -9.29
C ILE B 35 15.85 47.96 -10.47
N PRO B 36 15.54 48.86 -11.43
CA PRO B 36 14.69 48.43 -12.57
C PRO B 36 15.47 47.55 -13.54
N PHE B 37 14.92 46.37 -13.86
CA PHE B 37 15.62 45.47 -14.82
C PHE B 37 14.86 45.41 -16.14
N ALA B 38 13.68 46.03 -16.18
CA ALA B 38 12.85 46.04 -17.37
C ALA B 38 12.02 47.31 -17.52
N GLU B 39 11.53 47.53 -18.75
CA GLU B 39 10.59 48.61 -19.03
C GLU B 39 9.27 48.24 -18.32
N PRO B 40 8.64 49.17 -17.55
CA PRO B 40 7.38 48.82 -16.84
C PRO B 40 6.37 48.12 -17.76
N PRO B 41 5.90 46.89 -17.41
CA PRO B 41 5.02 46.16 -18.35
C PRO B 41 3.55 46.59 -18.28
N VAL B 42 3.32 47.87 -18.57
CA VAL B 42 2.04 48.56 -18.47
C VAL B 42 1.44 48.95 -19.82
N GLY B 43 0.14 49.20 -19.81
CA GLY B 43 -0.62 49.59 -21.00
C GLY B 43 -0.64 48.50 -22.04
N SER B 44 0.00 48.78 -23.18
CA SER B 44 0.11 47.89 -24.34
C SER B 44 1.04 46.75 -24.08
N ARG B 45 1.93 46.90 -23.07
CA ARG B 45 2.93 45.89 -22.70
C ARG B 45 2.35 44.84 -21.76
N ARG B 46 1.09 45.02 -21.31
CA ARG B 46 0.43 44.02 -20.46
C ARG B 46 0.29 42.71 -21.25
N PHE B 47 0.66 41.56 -20.61
CA PHE B 47 0.67 40.19 -21.14
C PHE B 47 1.85 39.95 -22.09
N MET B 48 2.63 40.99 -22.38
CA MET B 48 3.76 40.91 -23.30
C MET B 48 5.10 40.56 -22.64
N PRO B 49 6.00 39.85 -23.39
CA PRO B 49 7.34 39.57 -22.85
C PRO B 49 8.03 40.85 -22.34
N PRO B 50 8.87 40.77 -21.28
CA PRO B 50 9.51 41.98 -20.79
C PRO B 50 10.55 42.54 -21.77
N GLU B 51 10.77 43.85 -21.73
CA GLU B 51 11.78 44.53 -22.54
C GLU B 51 12.84 45.04 -21.60
N PRO B 52 14.14 45.04 -21.95
CA PRO B 52 15.16 45.55 -21.00
C PRO B 52 14.98 47.02 -20.65
N LYS B 53 15.30 47.38 -19.40
CA LYS B 53 15.18 48.76 -18.92
C LYS B 53 16.15 49.65 -19.68
N ARG B 54 15.62 50.75 -20.24
CA ARG B 54 16.40 51.75 -20.94
C ARG B 54 17.35 52.45 -19.92
N PRO B 55 18.58 52.86 -20.33
CA PRO B 55 19.47 53.60 -19.42
C PRO B 55 18.88 54.88 -18.81
N TRP B 56 19.42 55.32 -17.67
CA TRP B 56 18.97 56.52 -16.95
C TRP B 56 20.09 57.51 -16.68
N SER B 57 19.72 58.79 -16.47
CA SER B 57 20.62 59.90 -16.15
C SER B 57 20.78 59.96 -14.65
N GLY B 58 21.83 60.64 -14.14
CA GLY B 58 22.07 60.81 -12.72
C GLY B 58 22.27 59.54 -11.94
N VAL B 59 22.07 59.64 -10.62
CA VAL B 59 22.19 58.50 -9.70
C VAL B 59 20.78 58.02 -9.34
N LEU B 60 20.48 56.74 -9.63
CA LEU B 60 19.19 56.15 -9.31
C LEU B 60 19.15 55.78 -7.86
N ASP B 61 18.10 56.22 -7.15
CA ASP B 61 17.94 55.89 -5.75
C ASP B 61 17.48 54.44 -5.55
N ALA B 62 18.36 53.58 -4.99
CA ALA B 62 18.09 52.15 -4.74
C ALA B 62 18.17 51.83 -3.21
N THR B 63 17.49 52.64 -2.41
CA THR B 63 17.50 52.55 -0.95
C THR B 63 16.22 51.95 -0.36
N THR B 64 15.15 51.80 -1.17
CA THR B 64 13.86 51.24 -0.70
C THR B 64 13.36 50.19 -1.69
N PHE B 65 12.54 49.23 -1.21
CA PHE B 65 11.91 48.23 -2.06
C PHE B 65 10.89 48.93 -2.95
N GLN B 66 10.73 48.40 -4.16
CA GLN B 66 9.79 48.96 -5.11
C GLN B 66 8.40 48.31 -5.04
N ASN B 67 7.48 48.74 -5.90
CA ASN B 67 6.13 48.17 -5.91
C ASN B 67 6.09 46.65 -6.08
N VAL B 68 5.06 46.06 -5.49
CA VAL B 68 4.77 44.64 -5.55
C VAL B 68 3.87 44.41 -6.77
N CYS B 69 4.13 43.36 -7.55
CA CYS B 69 3.29 43.04 -8.72
C CYS B 69 1.81 42.88 -8.36
N TYR B 70 0.92 43.36 -9.23
CA TYR B 70 -0.50 43.32 -8.99
C TYR B 70 -0.97 41.90 -8.68
N GLN B 71 -1.61 41.73 -7.51
CA GLN B 71 -2.05 40.41 -7.05
C GLN B 71 -3.21 40.46 -6.08
N TYR B 72 -3.81 39.27 -5.81
CA TYR B 72 -4.87 39.05 -4.84
C TYR B 72 -4.25 39.10 -3.44
N VAL B 73 -4.78 39.97 -2.58
CA VAL B 73 -4.36 40.12 -1.19
C VAL B 73 -5.24 39.19 -0.32
N ASP B 74 -4.59 38.35 0.50
CA ASP B 74 -5.23 37.38 1.41
C ASP B 74 -5.86 38.12 2.59
N THR B 75 -7.19 38.01 2.72
CA THR B 75 -7.96 38.66 3.77
C THR B 75 -8.76 37.63 4.62
N LEU B 76 -8.49 36.32 4.41
CA LEU B 76 -9.10 35.19 5.12
C LEU B 76 -9.09 35.36 6.66
N TYR B 77 -7.91 35.71 7.21
CA TYR B 77 -7.70 35.91 8.64
C TYR B 77 -7.05 37.28 8.88
N PRO B 78 -7.85 38.37 8.98
CA PRO B 78 -7.26 39.71 9.15
C PRO B 78 -6.50 39.92 10.46
N GLY B 79 -5.30 40.49 10.34
CA GLY B 79 -4.42 40.76 11.48
C GLY B 79 -3.57 39.57 11.90
N PHE B 80 -3.85 38.38 11.31
CA PHE B 80 -3.18 37.13 11.61
C PHE B 80 -1.86 37.05 10.88
N GLU B 81 -0.77 36.99 11.67
CA GLU B 81 0.63 36.91 11.24
CA GLU B 81 0.60 36.93 11.22
C GLU B 81 0.80 35.73 10.26
N GLY B 82 0.15 34.61 10.56
CA GLY B 82 0.19 33.39 9.76
C GLY B 82 -0.11 33.59 8.30
N THR B 83 -1.09 34.44 7.99
CA THR B 83 -1.44 34.75 6.59
C THR B 83 -0.83 36.08 6.11
N GLU B 84 -0.75 37.08 7.01
CA GLU B 84 -0.29 38.42 6.66
C GLU B 84 1.23 38.54 6.42
N MET B 85 2.02 37.54 6.85
CA MET B 85 3.48 37.54 6.61
C MET B 85 3.81 37.33 5.10
N TRP B 86 2.85 36.77 4.35
CA TRP B 86 2.97 36.47 2.92
C TRP B 86 2.33 37.55 2.05
N ASN B 87 1.58 38.47 2.66
CA ASN B 87 0.88 39.57 1.97
C ASN B 87 1.79 40.67 1.46
N PRO B 88 1.40 41.40 0.38
CA PRO B 88 2.28 42.48 -0.11
C PRO B 88 2.59 43.49 0.98
N ASN B 89 3.86 43.90 1.05
CA ASN B 89 4.33 44.87 2.04
C ASN B 89 4.73 46.20 1.40
N ARG B 90 4.45 46.34 0.09
CA ARG B 90 4.63 47.59 -0.69
C ARG B 90 3.36 47.83 -1.52
N GLU B 91 3.21 49.01 -2.11
CA GLU B 91 2.06 49.33 -2.96
C GLU B 91 1.96 48.34 -4.15
N LEU B 92 0.73 47.96 -4.56
CA LEU B 92 0.53 47.05 -5.70
C LEU B 92 0.56 47.89 -6.96
N SER B 93 1.27 47.42 -7.98
CA SER B 93 1.36 48.12 -9.26
C SER B 93 1.74 47.14 -10.36
N GLU B 94 1.31 47.44 -11.59
CA GLU B 94 1.74 46.68 -12.76
C GLU B 94 3.20 47.05 -13.09
N ASP B 95 3.63 48.25 -12.63
CA ASP B 95 5.00 48.73 -12.74
C ASP B 95 5.71 48.11 -11.53
N CYS B 96 6.27 46.90 -11.72
CA CYS B 96 6.85 46.12 -10.62
C CYS B 96 8.16 45.37 -10.94
N LEU B 97 8.70 45.50 -12.17
CA LEU B 97 9.87 44.73 -12.60
C LEU B 97 11.18 45.35 -12.09
N TYR B 98 11.43 45.08 -10.81
CA TYR B 98 12.57 45.57 -10.06
C TYR B 98 13.22 44.41 -9.33
N LEU B 99 14.52 44.53 -9.06
CA LEU B 99 15.27 43.54 -8.33
C LEU B 99 16.07 44.18 -7.20
N ASN B 100 16.50 43.37 -6.25
CA ASN B 100 17.22 43.77 -5.05
C ASN B 100 18.51 42.98 -4.96
N VAL B 101 19.57 43.63 -4.50
CA VAL B 101 20.91 43.07 -4.32
C VAL B 101 21.39 43.36 -2.89
N TRP B 102 21.85 42.32 -2.16
CA TRP B 102 22.47 42.47 -0.84
C TRP B 102 23.88 41.97 -1.00
N THR B 103 24.86 42.71 -0.50
CA THR B 103 26.25 42.27 -0.56
C THR B 103 26.89 42.60 0.76
N PRO B 104 28.03 41.96 1.11
CA PRO B 104 28.77 42.37 2.31
C PRO B 104 29.16 43.85 2.28
N TYR B 105 29.44 44.41 3.46
CA TYR B 105 29.91 45.76 3.60
C TYR B 105 31.26 45.72 4.34
N PRO B 106 32.37 46.17 3.72
CA PRO B 106 32.48 46.72 2.35
C PRO B 106 32.27 45.64 1.29
N ARG B 107 32.03 46.04 0.01
CA ARG B 107 31.82 45.16 -1.15
C ARG B 107 32.88 44.05 -1.23
N PRO B 108 32.56 42.79 -1.59
CA PRO B 108 33.62 41.78 -1.65
C PRO B 108 34.84 42.16 -2.48
N ALA B 109 36.03 41.75 -1.98
CA ALA B 109 37.35 41.99 -2.59
C ALA B 109 37.57 41.12 -3.85
N SER B 110 37.19 39.84 -3.75
CA SER B 110 37.30 38.85 -4.82
C SER B 110 35.89 38.45 -5.30
N PRO B 111 35.71 37.98 -6.56
CA PRO B 111 34.36 37.56 -7.02
C PRO B 111 33.70 36.51 -6.12
N THR B 112 32.48 36.81 -5.66
CA THR B 112 31.72 36.05 -4.70
C THR B 112 30.55 35.28 -5.31
N PRO B 113 30.33 33.99 -4.93
CA PRO B 113 29.17 33.27 -5.48
C PRO B 113 27.87 34.00 -5.20
N VAL B 114 26.98 33.98 -6.21
CA VAL B 114 25.68 34.66 -6.21
C VAL B 114 24.54 33.68 -5.98
N LEU B 115 23.61 34.04 -5.09
CA LEU B 115 22.39 33.28 -4.84
C LEU B 115 21.22 34.13 -5.37
N ILE B 116 20.41 33.59 -6.28
CA ILE B 116 19.25 34.29 -6.82
C ILE B 116 17.97 33.66 -6.28
N TRP B 117 17.21 34.41 -5.45
CA TRP B 117 15.95 33.93 -4.90
C TRP B 117 14.77 34.20 -5.82
N ILE B 118 13.93 33.17 -6.04
CA ILE B 118 12.68 33.24 -6.82
C ILE B 118 11.54 32.84 -5.87
N TYR B 119 10.74 33.80 -5.42
CA TYR B 119 9.64 33.54 -4.48
C TYR B 119 8.49 32.67 -5.04
N GLY B 120 7.71 32.08 -4.13
CA GLY B 120 6.49 31.34 -4.45
C GLY B 120 5.25 32.17 -4.23
N GLY B 121 4.09 31.50 -4.24
CA GLY B 121 2.78 32.12 -4.11
C GLY B 121 1.83 31.70 -5.21
N GLY B 122 1.90 30.42 -5.61
CA GLY B 122 1.09 29.76 -6.62
C GLY B 122 1.03 30.43 -7.99
N PHE B 123 2.07 31.23 -8.33
CA PHE B 123 2.18 32.05 -9.56
C PHE B 123 1.08 33.12 -9.63
N TYR B 124 0.41 33.43 -8.50
CA TYR B 124 -0.69 34.41 -8.45
C TYR B 124 -0.36 35.52 -7.44
N SER B 125 0.67 35.27 -6.59
CA SER B 125 1.07 36.17 -5.54
C SER B 125 2.56 36.06 -5.24
N GLY B 126 2.98 36.91 -4.30
CA GLY B 126 4.33 36.97 -3.79
C GLY B 126 5.04 38.25 -4.10
N ALA B 127 6.18 38.46 -3.42
CA ALA B 127 7.05 39.64 -3.60
C ALA B 127 8.44 39.38 -3.04
N ALA B 128 9.47 39.98 -3.65
CA ALA B 128 10.86 39.85 -3.22
C ALA B 128 11.16 40.72 -1.96
N SER B 129 10.22 41.57 -1.58
CA SER B 129 10.32 42.56 -0.51
C SER B 129 9.89 42.04 0.87
N LEU B 130 9.34 40.81 0.95
CA LEU B 130 8.86 40.19 2.20
C LEU B 130 9.99 39.98 3.17
N ASP B 131 9.71 40.15 4.48
CA ASP B 131 10.70 40.02 5.56
C ASP B 131 11.43 38.68 5.60
N VAL B 132 10.75 37.58 5.21
CA VAL B 132 11.35 36.24 5.18
C VAL B 132 12.39 36.07 4.10
N TYR B 133 12.40 36.99 3.10
CA TYR B 133 13.33 36.91 1.98
C TYR B 133 14.47 37.90 2.12
N ASP B 134 14.63 38.47 3.35
CA ASP B 134 15.66 39.46 3.67
C ASP B 134 17.06 38.85 3.50
N GLY B 135 17.79 39.37 2.52
CA GLY B 135 19.13 38.86 2.20
C GLY B 135 20.26 39.33 3.10
N ARG B 136 19.98 40.20 4.09
CA ARG B 136 21.03 40.80 4.93
C ARG B 136 21.82 39.79 5.76
N PHE B 137 21.19 38.74 6.30
CA PHE B 137 21.88 37.74 7.12
C PHE B 137 22.87 36.90 6.31
N LEU B 138 22.45 36.38 5.14
CA LEU B 138 23.30 35.58 4.24
C LEU B 138 24.48 36.42 3.73
N ALA B 139 24.23 37.70 3.42
CA ALA B 139 25.25 38.66 2.97
C ALA B 139 26.29 38.92 4.09
N GLN B 140 25.82 39.19 5.31
CA GLN B 140 26.70 39.50 6.43
C GLN B 140 27.42 38.27 7.00
N VAL B 141 26.70 37.20 7.32
CA VAL B 141 27.29 36.03 7.97
C VAL B 141 28.12 35.18 7.01
N GLU B 142 27.61 34.93 5.80
CA GLU B 142 28.23 34.06 4.79
C GLU B 142 28.99 34.77 3.69
N GLY B 143 28.94 36.10 3.67
CA GLY B 143 29.63 36.92 2.68
C GLY B 143 29.04 36.77 1.30
N ALA B 144 27.76 36.37 1.22
CA ALA B 144 27.08 36.12 -0.05
C ALA B 144 26.57 37.36 -0.75
N VAL B 145 26.43 37.26 -2.08
CA VAL B 145 25.80 38.26 -2.93
C VAL B 145 24.44 37.63 -3.23
N LEU B 146 23.39 38.23 -2.68
CA LEU B 146 22.03 37.75 -2.83
C LEU B 146 21.20 38.69 -3.68
N VAL B 147 20.53 38.10 -4.70
CA VAL B 147 19.68 38.83 -5.64
C VAL B 147 18.27 38.22 -5.54
N SER B 148 17.23 39.07 -5.59
CA SER B 148 15.83 38.64 -5.65
C SER B 148 15.11 39.59 -6.57
N MET B 149 14.28 39.07 -7.45
CA MET B 149 13.53 39.89 -8.39
C MET B 149 12.05 39.73 -8.19
N ASN B 150 11.32 40.72 -8.63
CA ASN B 150 9.87 40.67 -8.71
C ASN B 150 9.61 40.19 -10.13
N TYR B 151 8.62 39.32 -10.27
CA TYR B 151 8.16 38.84 -11.55
C TYR B 151 6.61 38.88 -11.54
N ARG B 152 6.01 39.07 -12.73
CA ARG B 152 4.56 39.17 -12.87
C ARG B 152 3.87 37.86 -12.49
N VAL B 153 2.82 37.98 -11.70
CA VAL B 153 2.02 36.87 -11.20
C VAL B 153 0.59 37.04 -11.72
N GLY B 154 -0.23 36.01 -11.57
CA GLY B 154 -1.63 35.97 -11.97
C GLY B 154 -1.78 36.10 -13.45
N THR B 155 -2.87 36.78 -13.87
CA THR B 155 -3.17 37.04 -15.29
C THR B 155 -2.04 37.84 -15.95
N PHE B 156 -1.46 38.79 -15.22
CA PHE B 156 -0.39 39.67 -15.71
C PHE B 156 0.86 38.92 -16.11
N GLY B 157 1.17 37.84 -15.39
CA GLY B 157 2.35 37.04 -15.67
C GLY B 157 2.13 35.80 -16.49
N PHE B 158 0.91 35.18 -16.43
CA PHE B 158 0.71 33.89 -17.05
C PHE B 158 -0.57 33.68 -17.87
N LEU B 159 -1.41 34.73 -18.07
CA LEU B 159 -2.58 34.61 -18.97
C LEU B 159 -2.01 34.43 -20.39
N ALA B 160 -2.38 33.32 -21.01
CA ALA B 160 -1.91 32.96 -22.34
C ALA B 160 -3.01 32.64 -23.30
N LEU B 161 -2.84 33.14 -24.53
CA LEU B 161 -3.63 32.74 -25.68
C LEU B 161 -2.57 32.14 -26.58
N PRO B 162 -2.23 30.83 -26.34
CA PRO B 162 -1.07 30.25 -27.03
C PRO B 162 -1.11 30.36 -28.55
N GLY B 163 0.00 30.82 -29.12
CA GLY B 163 0.13 31.02 -30.54
C GLY B 163 0.00 32.47 -30.95
N SER B 164 -0.61 33.31 -30.07
CA SER B 164 -0.74 34.75 -30.30
C SER B 164 0.61 35.42 -30.03
N ARG B 165 0.79 36.65 -30.51
CA ARG B 165 2.01 37.42 -30.27
C ARG B 165 1.82 38.36 -29.09
N GLU B 166 0.56 38.76 -28.81
CA GLU B 166 0.18 39.72 -27.77
C GLU B 166 0.14 39.15 -26.36
N ALA B 167 -0.23 37.87 -26.23
CA ALA B 167 -0.32 37.12 -24.98
C ALA B 167 0.25 35.70 -25.20
N PRO B 168 1.58 35.56 -25.39
CA PRO B 168 2.14 34.22 -25.67
C PRO B 168 2.21 33.26 -24.48
N GLY B 169 2.08 33.81 -23.28
CA GLY B 169 2.20 33.07 -22.03
C GLY B 169 3.63 33.04 -21.53
N ASN B 170 3.82 32.59 -20.27
CA ASN B 170 5.10 32.42 -19.58
C ASN B 170 5.88 33.71 -19.40
N VAL B 171 5.22 34.88 -19.50
CA VAL B 171 5.93 36.19 -19.44
C VAL B 171 6.52 36.44 -18.05
N GLY B 172 5.90 35.88 -17.01
CA GLY B 172 6.43 35.94 -15.66
C GLY B 172 7.75 35.18 -15.53
N LEU B 173 7.93 34.12 -16.34
CA LEU B 173 9.16 33.32 -16.38
C LEU B 173 10.23 34.09 -17.16
N LEU B 174 9.80 34.84 -18.19
CA LEU B 174 10.67 35.72 -18.97
C LEU B 174 11.21 36.87 -18.16
N ASP B 175 10.37 37.41 -17.22
CA ASP B 175 10.78 38.47 -16.27
C ASP B 175 11.93 37.92 -15.42
N GLN B 176 11.77 36.68 -14.89
CA GLN B 176 12.80 36.00 -14.08
C GLN B 176 14.07 35.81 -14.89
N ARG B 177 13.94 35.35 -16.17
CA ARG B 177 15.07 35.17 -17.10
C ARG B 177 15.80 36.48 -17.38
N LEU B 178 15.07 37.59 -17.55
CA LEU B 178 15.66 38.93 -17.76
C LEU B 178 16.48 39.38 -16.53
N ALA B 179 16.04 39.05 -15.29
CA ALA B 179 16.78 39.35 -14.07
C ALA B 179 18.05 38.49 -14.01
N LEU B 180 17.97 37.24 -14.50
CA LEU B 180 19.12 36.33 -14.58
C LEU B 180 20.16 36.92 -15.57
N GLN B 181 19.70 37.46 -16.73
CA GLN B 181 20.57 38.11 -17.74
C GLN B 181 21.17 39.40 -17.17
N TRP B 182 20.38 40.16 -16.37
CA TRP B 182 20.83 41.37 -15.70
C TRP B 182 21.96 41.04 -14.77
N VAL B 183 21.82 39.93 -14.01
CA VAL B 183 22.83 39.46 -13.06
C VAL B 183 24.14 39.14 -13.82
N GLN B 184 24.06 38.35 -14.92
CA GLN B 184 25.24 38.05 -15.77
C GLN B 184 25.99 39.30 -16.24
N GLU B 185 25.25 40.33 -16.68
CA GLU B 185 25.81 41.58 -17.19
C GLU B 185 26.28 42.57 -16.15
N ASN B 186 25.68 42.56 -14.93
CA ASN B 186 25.96 43.61 -13.94
C ASN B 186 26.46 43.22 -12.55
N ILE B 187 26.34 41.92 -12.15
CA ILE B 187 26.67 41.51 -10.79
C ILE B 187 28.15 41.71 -10.43
N ALA B 188 29.07 41.66 -11.40
CA ALA B 188 30.50 41.89 -11.13
C ALA B 188 30.74 43.27 -10.46
N ALA B 189 29.92 44.29 -10.82
CA ALA B 189 30.02 45.65 -10.28
C ALA B 189 29.76 45.69 -8.77
N PHE B 190 29.06 44.69 -8.23
CA PHE B 190 28.75 44.51 -6.79
C PHE B 190 29.72 43.53 -6.08
N GLY B 191 30.63 42.92 -6.85
CA GLY B 191 31.58 41.94 -6.33
C GLY B 191 31.08 40.51 -6.45
N GLY B 192 29.98 40.29 -7.15
CA GLY B 192 29.46 38.96 -7.38
C GLY B 192 30.17 38.27 -8.52
N ASP B 193 30.19 36.95 -8.52
CA ASP B 193 30.83 36.15 -9.56
C ASP B 193 29.75 35.68 -10.54
N PRO B 194 29.73 36.20 -11.80
CA PRO B 194 28.70 35.75 -12.75
C PRO B 194 28.91 34.30 -13.18
N MET B 195 30.10 33.76 -12.93
CA MET B 195 30.46 32.37 -13.26
C MET B 195 30.10 31.39 -12.16
N SER B 196 29.41 31.85 -11.09
CA SER B 196 28.93 31.04 -9.98
C SER B 196 27.61 31.63 -9.48
N VAL B 197 26.52 31.25 -10.18
CA VAL B 197 25.16 31.71 -9.92
C VAL B 197 24.29 30.49 -9.57
N THR B 198 23.73 30.48 -8.36
CA THR B 198 22.83 29.44 -7.85
C THR B 198 21.43 30.03 -7.75
N LEU B 199 20.46 29.40 -8.40
CA LEU B 199 19.05 29.77 -8.29
C LEU B 199 18.50 29.05 -7.12
N PHE B 200 17.73 29.72 -6.29
CA PHE B 200 17.05 29.03 -5.19
C PHE B 200 15.64 29.60 -5.08
N GLY B 201 14.67 28.76 -4.77
CA GLY B 201 13.28 29.17 -4.66
C GLY B 201 12.44 28.18 -3.91
N GLU B 202 11.26 28.60 -3.47
CA GLU B 202 10.34 27.73 -2.75
C GLU B 202 8.94 27.78 -3.38
N SER B 203 8.21 26.62 -3.34
CA SER B 203 6.86 26.43 -3.89
C SER B 203 6.85 26.82 -5.38
N ALA B 204 6.04 27.82 -5.82
CA ALA B 204 6.04 28.24 -7.23
C ALA B 204 7.41 28.78 -7.70
N GLY B 205 8.23 29.22 -6.74
CA GLY B 205 9.58 29.70 -7.00
C GLY B 205 10.53 28.56 -7.35
N ALA B 206 10.33 27.40 -6.69
CA ALA B 206 11.06 26.17 -6.93
C ALA B 206 10.61 25.57 -8.25
N ALA B 207 9.30 25.65 -8.56
CA ALA B 207 8.78 25.20 -9.85
C ALA B 207 9.43 26.07 -10.95
N SER B 208 9.55 27.42 -10.72
CA SER B 208 10.21 28.40 -11.61
C SER B 208 11.67 28.03 -11.85
N VAL B 209 12.44 27.77 -10.78
CA VAL B 209 13.82 27.29 -10.84
C VAL B 209 13.90 26.02 -11.76
N GLY B 210 12.95 25.08 -11.54
CA GLY B 210 12.84 23.86 -12.34
C GLY B 210 12.61 24.14 -13.81
N MET B 211 11.81 25.15 -14.11
CA MET B 211 11.56 25.50 -15.50
C MET B 211 12.74 26.21 -16.16
N HIS B 212 13.62 26.87 -15.37
CA HIS B 212 14.87 27.43 -15.89
C HIS B 212 15.87 26.29 -16.21
N ILE B 213 15.82 25.16 -15.46
CA ILE B 213 16.63 23.95 -15.72
C ILE B 213 16.19 23.31 -17.05
N LEU B 214 14.87 23.34 -17.34
CA LEU B 214 14.26 22.73 -18.51
C LEU B 214 14.14 23.62 -19.74
N SER B 215 14.57 24.89 -19.67
CA SER B 215 14.53 25.81 -20.81
C SER B 215 15.95 26.25 -21.17
N LEU B 216 16.46 25.80 -22.34
CA LEU B 216 17.84 26.04 -22.80
C LEU B 216 18.30 27.49 -22.72
N PRO B 217 17.54 28.54 -23.14
CA PRO B 217 18.09 29.90 -23.03
C PRO B 217 18.39 30.33 -21.59
N SER B 218 17.80 29.67 -20.59
CA SER B 218 18.03 29.99 -19.17
C SER B 218 19.26 29.31 -18.63
N ARG B 219 19.60 28.12 -19.17
CA ARG B 219 20.71 27.30 -18.71
C ARG B 219 22.08 27.99 -18.71
N SER B 220 22.31 28.95 -19.61
CA SER B 220 23.58 29.67 -19.69
C SER B 220 23.69 30.81 -18.66
N LEU B 221 22.64 30.98 -17.83
CA LEU B 221 22.52 32.08 -16.85
C LEU B 221 22.71 31.64 -15.41
N PHE B 222 22.91 30.34 -15.17
CA PHE B 222 23.11 29.78 -13.82
C PHE B 222 23.86 28.46 -13.91
N HIS B 223 24.42 28.05 -12.78
CA HIS B 223 25.30 26.87 -12.67
C HIS B 223 24.77 25.82 -11.73
N ARG B 224 23.90 26.22 -10.79
CA ARG B 224 23.37 25.35 -9.75
C ARG B 224 21.97 25.77 -9.39
N ALA B 225 21.21 24.85 -8.78
CA ALA B 225 19.81 25.10 -8.44
C ALA B 225 19.36 24.42 -7.16
N VAL B 226 18.45 25.10 -6.42
CA VAL B 226 17.81 24.67 -5.18
C VAL B 226 16.30 24.77 -5.41
N LEU B 227 15.59 23.63 -5.28
CA LEU B 227 14.14 23.54 -5.42
C LEU B 227 13.59 23.15 -4.06
N GLN B 228 13.03 24.12 -3.33
CA GLN B 228 12.46 23.90 -2.01
C GLN B 228 10.95 23.73 -2.13
N SER B 229 10.42 22.53 -1.80
CA SER B 229 8.96 22.28 -1.77
C SER B 229 8.19 22.67 -3.05
N GLY B 230 8.73 22.33 -4.20
CA GLY B 230 8.13 22.64 -5.50
C GLY B 230 8.98 22.12 -6.62
N THR B 231 8.35 21.82 -7.78
CA THR B 231 9.00 21.20 -8.95
C THR B 231 8.33 21.65 -10.24
N PRO B 232 9.01 21.56 -11.42
CA PRO B 232 8.32 21.92 -12.69
C PRO B 232 7.27 20.86 -13.10
N ASN B 233 7.53 19.59 -12.76
CA ASN B 233 6.64 18.46 -12.98
C ASN B 233 5.56 18.49 -11.86
N GLY B 234 4.52 17.67 -11.99
CA GLY B 234 3.49 17.67 -10.96
C GLY B 234 2.17 18.25 -11.43
N PRO B 235 1.11 18.14 -10.61
CA PRO B 235 -0.23 18.49 -11.12
C PRO B 235 -0.65 19.97 -11.17
N TRP B 236 0.16 20.88 -10.59
CA TRP B 236 -0.24 22.27 -10.50
C TRP B 236 0.67 23.30 -11.18
N ALA B 237 1.97 22.95 -11.42
CA ALA B 237 3.00 23.89 -11.90
C ALA B 237 2.86 24.32 -13.36
N THR B 238 2.14 23.54 -14.19
CA THR B 238 1.92 23.84 -15.61
C THR B 238 0.52 23.48 -16.08
N VAL B 239 0.15 23.99 -17.25
CA VAL B 239 -1.10 23.68 -17.95
C VAL B 239 -0.77 23.53 -19.41
N SER B 240 -1.61 22.81 -20.14
CA SER B 240 -1.48 22.60 -21.57
C SER B 240 -1.87 23.91 -22.25
N ALA B 241 -1.53 24.03 -23.54
CA ALA B 241 -1.91 25.18 -24.33
C ALA B 241 -3.44 25.29 -24.43
N GLY B 242 -4.13 24.15 -24.59
CA GLY B 242 -5.58 24.10 -24.67
C GLY B 242 -6.29 24.61 -23.43
N GLU B 243 -5.82 24.17 -22.26
CA GLU B 243 -6.35 24.57 -20.95
C GLU B 243 -6.07 26.06 -20.63
N ALA B 244 -4.88 26.58 -20.98
CA ALA B 244 -4.53 28.00 -20.80
C ALA B 244 -5.42 28.86 -21.69
N ARG B 245 -5.69 28.42 -22.93
CA ARG B 245 -6.56 29.11 -23.89
C ARG B 245 -7.99 29.16 -23.31
N ARG B 246 -8.51 28.01 -22.80
CA ARG B 246 -9.83 27.90 -22.17
C ARG B 246 -9.99 28.90 -20.99
N ARG B 247 -9.02 28.92 -20.06
CA ARG B 247 -9.01 29.78 -18.89
C ARG B 247 -8.92 31.27 -19.25
N ALA B 248 -8.10 31.63 -20.26
CA ALA B 248 -7.96 33.02 -20.71
C ALA B 248 -9.23 33.50 -21.40
N THR B 249 -9.90 32.61 -22.17
CA THR B 249 -11.15 32.90 -22.88
C THR B 249 -12.30 33.10 -21.87
N LEU B 250 -12.35 32.25 -20.83
CA LEU B 250 -13.36 32.33 -19.77
C LEU B 250 -13.19 33.63 -18.96
N LEU B 251 -11.92 33.97 -18.59
CA LEU B 251 -11.67 35.19 -17.85
C LEU B 251 -12.07 36.40 -18.65
N ALA B 252 -11.79 36.41 -19.97
CA ALA B 252 -12.16 37.51 -20.87
C ALA B 252 -13.69 37.67 -20.86
N ARG B 253 -14.42 36.55 -20.98
CA ARG B 253 -15.89 36.51 -20.91
C ARG B 253 -16.40 37.13 -19.57
N LEU B 254 -15.82 36.72 -18.43
CA LEU B 254 -16.17 37.21 -17.09
C LEU B 254 -16.00 38.72 -16.92
N VAL B 255 -15.05 39.33 -17.65
CA VAL B 255 -14.78 40.78 -17.60
C VAL B 255 -15.39 41.51 -18.82
N GLY B 256 -16.30 40.82 -19.49
CA GLY B 256 -17.05 41.32 -20.65
C GLY B 256 -16.26 41.62 -21.88
N CYS B 257 -15.27 40.76 -22.20
CA CYS B 257 -14.40 40.95 -23.36
C CYS B 257 -14.73 40.05 -24.53
N PRO B 258 -15.21 40.67 -25.63
CA PRO B 258 -15.64 39.89 -26.80
C PRO B 258 -14.51 39.19 -27.55
N ASN B 265 -11.09 36.09 -32.59
CA ASN B 265 -9.73 36.57 -32.86
C ASN B 265 -9.00 36.95 -31.57
N ASP B 266 -7.75 36.49 -31.42
CA ASP B 266 -6.95 36.75 -30.21
C ASP B 266 -6.60 38.23 -30.04
N THR B 267 -6.23 38.93 -31.13
CA THR B 267 -5.85 40.35 -31.11
C THR B 267 -6.92 41.20 -30.46
N GLU B 268 -8.17 41.01 -30.88
CA GLU B 268 -9.34 41.73 -30.42
C GLU B 268 -9.64 41.47 -28.93
N LEU B 269 -9.53 40.20 -28.51
CA LEU B 269 -9.76 39.74 -27.13
C LEU B 269 -8.71 40.31 -26.15
N ILE B 270 -7.42 40.18 -26.51
CA ILE B 270 -6.30 40.67 -25.71
C ILE B 270 -6.34 42.19 -25.61
N ALA B 271 -6.72 42.89 -26.71
CA ALA B 271 -6.81 44.35 -26.69
C ALA B 271 -7.84 44.82 -25.66
N CYS B 272 -8.98 44.11 -25.57
CA CYS B 272 -10.02 44.40 -24.59
C CYS B 272 -9.54 44.12 -23.17
N LEU B 273 -8.81 43.00 -22.97
CA LEU B 273 -8.27 42.65 -21.65
C LEU B 273 -7.32 43.74 -21.18
N ARG B 274 -6.52 44.30 -22.11
CA ARG B 274 -5.57 45.39 -21.84
C ARG B 274 -6.24 46.68 -21.41
N THR B 275 -7.54 46.84 -21.69
CA THR B 275 -8.28 48.03 -21.26
C THR B 275 -8.87 47.89 -19.87
N ARG B 276 -8.84 46.69 -19.32
CA ARG B 276 -9.44 46.44 -18.01
C ARG B 276 -8.56 46.86 -16.85
N PRO B 277 -9.12 47.57 -15.83
CA PRO B 277 -8.33 47.85 -14.62
C PRO B 277 -7.82 46.53 -14.02
N ALA B 278 -6.62 46.57 -13.46
CA ALA B 278 -5.93 45.43 -12.89
C ALA B 278 -6.78 44.63 -11.89
N GLN B 279 -7.58 45.35 -11.06
CA GLN B 279 -8.42 44.73 -10.04
C GLN B 279 -9.56 43.92 -10.64
N ASP B 280 -10.06 44.30 -11.83
CA ASP B 280 -11.12 43.57 -12.51
C ASP B 280 -10.65 42.15 -12.85
N LEU B 281 -9.41 42.01 -13.35
CA LEU B 281 -8.78 40.74 -13.70
C LEU B 281 -8.57 39.88 -12.46
N VAL B 282 -8.06 40.50 -11.36
CA VAL B 282 -7.81 39.83 -10.06
C VAL B 282 -9.15 39.33 -9.45
N ASP B 283 -10.25 40.10 -9.60
CA ASP B 283 -11.58 39.76 -9.07
C ASP B 283 -12.16 38.44 -9.61
N HIS B 284 -11.74 38.02 -10.82
CA HIS B 284 -12.26 36.82 -11.48
C HIS B 284 -11.23 35.74 -11.72
N GLU B 285 -9.98 35.95 -11.29
CA GLU B 285 -8.94 34.95 -11.61
C GLU B 285 -9.23 33.57 -11.06
N TRP B 286 -9.83 33.47 -9.87
CA TRP B 286 -10.14 32.19 -9.25
C TRP B 286 -11.33 31.44 -9.87
N HIS B 287 -12.18 32.13 -10.61
CA HIS B 287 -13.40 31.58 -11.21
C HIS B 287 -13.22 30.86 -12.55
N VAL B 288 -11.96 30.60 -12.94
CA VAL B 288 -11.68 29.90 -14.20
C VAL B 288 -11.17 28.46 -13.95
N LEU B 289 -10.92 28.06 -12.68
CA LEU B 289 -10.48 26.69 -12.36
C LEU B 289 -11.56 25.70 -12.76
N PRO B 290 -11.18 24.56 -13.40
CA PRO B 290 -12.20 23.61 -13.90
C PRO B 290 -12.97 22.82 -12.84
N GLN B 291 -12.45 22.71 -11.60
CA GLN B 291 -13.13 21.97 -10.53
C GLN B 291 -12.94 22.67 -9.20
N GLU B 292 -13.70 22.22 -8.20
CA GLU B 292 -13.55 22.59 -6.79
C GLU B 292 -12.24 21.86 -6.44
N SER B 293 -11.20 22.62 -6.11
CA SER B 293 -9.89 22.02 -5.88
C SER B 293 -9.10 22.78 -4.84
N ILE B 294 -7.98 22.21 -4.42
CA ILE B 294 -7.00 22.83 -3.51
C ILE B 294 -5.67 22.54 -4.16
N PHE B 295 -4.70 23.43 -3.97
CA PHE B 295 -3.34 23.37 -4.54
C PHE B 295 -3.40 23.44 -6.08
N ARG B 296 -4.31 24.27 -6.59
CA ARG B 296 -4.48 24.52 -8.02
C ARG B 296 -4.60 26.03 -8.21
N PHE B 297 -3.84 26.57 -9.17
CA PHE B 297 -3.80 27.99 -9.45
C PHE B 297 -4.17 28.23 -10.90
N SER B 298 -4.95 29.28 -11.15
CA SER B 298 -5.52 29.60 -12.47
C SER B 298 -4.52 29.94 -13.58
N PHE B 299 -3.58 30.86 -13.30
CA PHE B 299 -2.63 31.33 -14.31
C PHE B 299 -1.24 30.96 -13.92
N VAL B 300 -0.75 29.89 -14.52
CA VAL B 300 0.55 29.26 -14.22
C VAL B 300 1.33 29.05 -15.54
N PRO B 301 2.62 28.65 -15.51
CA PRO B 301 3.34 28.41 -16.77
C PRO B 301 2.58 27.47 -17.72
N VAL B 302 2.61 27.79 -19.02
CA VAL B 302 1.95 27.01 -20.08
C VAL B 302 2.99 26.22 -20.88
N VAL B 303 2.64 24.99 -21.29
CA VAL B 303 3.48 24.17 -22.16
C VAL B 303 3.23 24.76 -23.57
N ASP B 304 4.05 25.74 -23.92
CA ASP B 304 3.90 26.52 -25.14
C ASP B 304 4.62 25.99 -26.37
N GLY B 305 5.57 25.08 -26.16
CA GLY B 305 6.43 24.56 -27.24
C GLY B 305 7.55 25.52 -27.56
N ASP B 306 7.72 26.58 -26.73
CA ASP B 306 8.73 27.64 -26.84
C ASP B 306 9.59 27.68 -25.58
N PHE B 307 9.11 28.34 -24.46
CA PHE B 307 9.83 28.35 -23.19
C PHE B 307 9.95 26.90 -22.72
N LEU B 308 8.84 26.15 -22.76
CA LEU B 308 8.81 24.73 -22.45
C LEU B 308 8.56 24.01 -23.76
N SER B 309 9.62 23.42 -24.32
CA SER B 309 9.57 22.71 -25.61
C SER B 309 8.63 21.49 -25.56
N ASP B 310 8.38 20.98 -24.36
CA ASP B 310 7.48 19.86 -24.11
C ASP B 310 7.06 19.92 -22.66
N THR B 311 6.20 18.99 -22.20
CA THR B 311 5.77 18.96 -20.79
C THR B 311 6.99 18.75 -19.89
N PRO B 312 7.02 19.31 -18.65
CA PRO B 312 8.15 19.04 -17.75
C PRO B 312 8.39 17.56 -17.50
N GLU B 313 7.33 16.71 -17.54
CA GLU B 313 7.51 15.27 -17.39
C GLU B 313 8.33 14.67 -18.54
N ALA B 314 8.05 15.08 -19.80
CA ALA B 314 8.80 14.62 -20.97
C ALA B 314 10.25 15.12 -20.89
N LEU B 315 10.43 16.42 -20.56
CA LEU B 315 11.74 17.07 -20.45
C LEU B 315 12.61 16.48 -19.36
N ILE B 316 12.05 16.18 -18.15
CA ILE B 316 12.83 15.56 -17.07
C ILE B 316 13.22 14.13 -17.41
N ASN B 317 12.39 13.39 -18.20
CA ASN B 317 12.64 11.99 -18.59
C ASN B 317 13.65 11.85 -19.71
N THR B 318 13.80 12.85 -20.58
CA THR B 318 14.70 12.78 -21.74
C THR B 318 15.94 13.69 -21.68
N GLY B 319 15.99 14.59 -20.70
CA GLY B 319 17.09 15.54 -20.58
C GLY B 319 18.40 14.96 -20.11
N ASP B 320 19.50 15.62 -20.51
CA ASP B 320 20.88 15.33 -20.11
C ASP B 320 21.20 16.40 -19.05
N PHE B 321 21.35 15.94 -17.79
CA PHE B 321 21.56 16.86 -16.65
C PHE B 321 22.95 16.74 -16.03
N GLN B 322 23.93 16.25 -16.82
CA GLN B 322 25.35 16.22 -16.42
C GLN B 322 25.81 17.66 -16.29
N ASP B 323 26.82 17.89 -15.42
CA ASP B 323 27.40 19.21 -15.17
C ASP B 323 26.35 20.19 -14.55
N LEU B 324 25.41 19.63 -13.80
CA LEU B 324 24.39 20.34 -13.04
C LEU B 324 24.33 19.78 -11.62
N GLN B 325 24.28 20.64 -10.61
CA GLN B 325 24.14 20.25 -9.20
C GLN B 325 22.79 20.78 -8.71
N VAL B 326 22.02 19.93 -7.99
CA VAL B 326 20.70 20.30 -7.51
C VAL B 326 20.51 19.91 -6.05
N LEU B 327 19.95 20.82 -5.26
CA LEU B 327 19.56 20.58 -3.88
C LEU B 327 18.02 20.66 -3.88
N VAL B 328 17.36 19.58 -3.47
CA VAL B 328 15.89 19.48 -3.46
C VAL B 328 15.40 19.03 -2.08
N GLY B 329 14.18 19.42 -1.75
CA GLY B 329 13.64 18.96 -0.49
C GLY B 329 12.25 19.39 -0.23
N VAL B 330 11.73 18.93 0.90
CA VAL B 330 10.36 19.13 1.33
C VAL B 330 10.33 19.47 2.83
N VAL B 331 9.17 19.94 3.32
CA VAL B 331 8.90 20.18 4.73
C VAL B 331 8.08 18.99 5.24
N LYS B 332 8.00 18.83 6.57
CA LYS B 332 7.30 17.69 7.18
C LYS B 332 5.80 17.63 6.83
N ASP B 333 5.10 18.80 6.74
CA ASP B 333 3.64 18.87 6.52
C ASP B 333 3.24 19.82 5.39
N GLU B 334 3.62 19.45 4.18
CA GLU B 334 3.38 20.17 2.94
C GLU B 334 1.93 20.55 2.65
N GLY B 335 1.00 19.66 2.95
CA GLY B 335 -0.41 19.87 2.64
C GLY B 335 -1.30 20.45 3.70
N SER B 336 -0.84 20.51 4.96
CA SER B 336 -1.66 20.98 6.09
C SER B 336 -2.33 22.34 5.87
N TYR B 337 -1.58 23.33 5.39
CA TYR B 337 -2.12 24.66 5.14
C TYR B 337 -3.24 24.66 4.10
N PHE B 338 -3.06 23.92 3.01
CA PHE B 338 -4.01 23.85 1.91
C PHE B 338 -5.41 23.36 2.31
N LEU B 339 -5.51 22.69 3.45
CA LEU B 339 -6.79 22.15 3.95
C LEU B 339 -7.68 23.22 4.59
N VAL B 340 -7.06 24.24 5.19
CA VAL B 340 -7.66 25.37 5.89
C VAL B 340 -8.55 26.23 4.97
N TYR B 341 -8.28 26.38 3.65
CA TYR B 341 -9.25 27.13 2.84
C TYR B 341 -10.38 26.27 2.29
N GLY B 342 -10.09 25.40 1.32
CA GLY B 342 -11.08 24.63 0.59
C GLY B 342 -11.72 23.38 1.16
N VAL B 343 -11.10 22.72 2.16
CA VAL B 343 -11.64 21.45 2.68
C VAL B 343 -12.62 21.61 3.88
N PRO B 344 -13.91 21.20 3.73
CA PRO B 344 -14.85 21.25 4.85
C PRO B 344 -14.43 20.34 6.00
N GLY B 345 -14.51 20.89 7.21
CA GLY B 345 -14.14 20.23 8.46
C GLY B 345 -12.84 20.74 9.05
N PHE B 346 -12.11 21.56 8.26
CA PHE B 346 -10.80 22.10 8.63
C PHE B 346 -10.84 23.54 9.03
N SER B 347 -10.07 23.87 10.07
CA SER B 347 -9.96 25.23 10.61
C SER B 347 -8.63 25.39 11.34
N LYS B 348 -8.08 26.61 11.32
CA LYS B 348 -6.84 26.91 12.06
C LYS B 348 -7.18 27.11 13.56
N ASP B 349 -8.47 27.35 13.86
CA ASP B 349 -8.97 27.68 15.19
C ASP B 349 -9.48 26.48 16.02
N ASN B 350 -9.55 25.27 15.41
CA ASN B 350 -9.92 24.02 16.09
C ASN B 350 -8.91 22.93 15.73
N GLU B 351 -9.01 21.73 16.34
CA GLU B 351 -8.08 20.61 16.07
C GLU B 351 -8.34 19.87 14.76
N SER B 352 -9.40 20.27 14.01
CA SER B 352 -9.77 19.72 12.69
C SER B 352 -9.89 18.18 12.67
N LEU B 353 -10.48 17.61 13.71
CA LEU B 353 -10.72 16.18 13.77
C LEU B 353 -11.92 15.94 12.87
N ILE B 354 -11.68 15.29 11.71
CA ILE B 354 -12.68 15.06 10.67
C ILE B 354 -13.24 13.64 10.70
N SER B 355 -14.40 13.46 10.04
CA SER B 355 -15.08 12.16 9.90
C SER B 355 -14.57 11.47 8.63
N ARG B 356 -14.92 10.18 8.46
CA ARG B 356 -14.57 9.41 7.27
C ARG B 356 -15.21 10.06 6.03
N ALA B 357 -16.50 10.45 6.13
CA ALA B 357 -17.22 11.12 5.05
C ALA B 357 -16.49 12.39 4.58
N GLN B 358 -16.02 13.24 5.55
CA GLN B 358 -15.27 14.48 5.31
C GLN B 358 -13.92 14.18 4.68
N PHE B 359 -13.32 12.99 5.00
CA PHE B 359 -12.05 12.54 4.41
C PHE B 359 -12.25 12.19 2.93
N LEU B 360 -13.26 11.34 2.60
CA LEU B 360 -13.57 10.94 1.22
C LEU B 360 -13.84 12.17 0.36
N ALA B 361 -14.64 13.13 0.90
CA ALA B 361 -14.98 14.39 0.25
C ALA B 361 -13.73 15.26 0.00
N GLY B 362 -12.84 15.27 0.99
CA GLY B 362 -11.58 16.01 0.93
C GLY B 362 -10.69 15.47 -0.16
N VAL B 363 -10.61 14.12 -0.29
CA VAL B 363 -9.80 13.44 -1.31
C VAL B 363 -10.22 13.91 -2.75
N ARG B 364 -11.52 14.14 -2.99
CA ARG B 364 -12.08 14.62 -4.26
C ARG B 364 -11.63 16.05 -4.59
N ILE B 365 -11.51 16.91 -3.57
CA ILE B 365 -11.09 18.30 -3.70
C ILE B 365 -9.55 18.36 -3.86
N GLY B 366 -8.86 17.50 -3.10
CA GLY B 366 -7.41 17.38 -3.06
C GLY B 366 -6.80 16.69 -4.27
N VAL B 367 -7.57 15.81 -4.95
CA VAL B 367 -7.11 15.13 -6.16
C VAL B 367 -8.23 15.39 -7.21
N PRO B 368 -8.41 16.65 -7.67
CA PRO B 368 -9.57 16.98 -8.55
C PRO B 368 -9.66 16.26 -9.88
N GLN B 369 -8.52 15.84 -10.40
CA GLN B 369 -8.41 15.12 -11.67
C GLN B 369 -8.84 13.64 -11.55
N ALA B 370 -8.90 13.11 -10.31
CA ALA B 370 -9.20 11.71 -10.02
C ALA B 370 -10.61 11.27 -10.29
N SER B 371 -10.71 10.08 -10.92
CA SER B 371 -11.96 9.39 -11.20
C SER B 371 -12.44 8.76 -9.86
N ASP B 372 -13.61 8.12 -9.86
CA ASP B 372 -14.14 7.49 -8.66
C ASP B 372 -13.23 6.37 -8.15
N LEU B 373 -12.66 5.57 -9.10
CA LEU B 373 -11.74 4.47 -8.83
C LEU B 373 -10.41 4.96 -8.28
N ALA B 374 -9.87 6.03 -8.87
CA ALA B 374 -8.61 6.64 -8.46
C ALA B 374 -8.75 7.22 -7.07
N ALA B 375 -9.90 7.86 -6.74
CA ALA B 375 -10.18 8.44 -5.43
C ALA B 375 -10.30 7.34 -4.38
N GLU B 376 -10.91 6.21 -4.74
CA GLU B 376 -11.02 5.06 -3.85
C GLU B 376 -9.64 4.47 -3.56
N ALA B 377 -8.78 4.35 -4.61
CA ALA B 377 -7.42 3.86 -4.47
C ALA B 377 -6.63 4.75 -3.49
N VAL B 378 -6.85 6.09 -3.52
CA VAL B 378 -6.20 7.07 -2.64
C VAL B 378 -6.68 6.80 -1.19
N VAL B 379 -8.00 6.73 -1.01
CA VAL B 379 -8.67 6.50 0.27
C VAL B 379 -8.22 5.19 0.91
N LEU B 380 -8.17 4.12 0.13
CA LEU B 380 -7.79 2.83 0.62
C LEU B 380 -6.32 2.76 1.01
N HIS B 381 -5.46 3.46 0.26
CA HIS B 381 -4.03 3.52 0.54
C HIS B 381 -3.71 4.35 1.80
N TYR B 382 -4.45 5.45 2.01
CA TYR B 382 -4.23 6.37 3.12
C TYR B 382 -5.01 6.06 4.39
N THR B 383 -6.02 5.18 4.32
CA THR B 383 -6.73 4.74 5.52
C THR B 383 -5.80 3.85 6.31
N ASP B 384 -5.86 4.01 7.63
CA ASP B 384 -5.17 3.16 8.60
C ASP B 384 -6.27 2.14 8.91
N TRP B 385 -6.17 0.93 8.34
CA TRP B 385 -7.22 -0.08 8.50
C TRP B 385 -7.30 -0.63 9.92
N LEU B 386 -6.38 -0.20 10.80
CA LEU B 386 -6.43 -0.55 12.21
C LEU B 386 -7.33 0.45 12.99
N HIS B 387 -7.38 1.71 12.51
CA HIS B 387 -8.19 2.81 13.08
C HIS B 387 -8.84 3.56 11.88
N PRO B 388 -9.75 2.93 11.10
CA PRO B 388 -10.27 3.61 9.88
C PRO B 388 -11.20 4.80 10.08
N GLU B 389 -11.70 4.99 11.30
CA GLU B 389 -12.64 6.05 11.64
C GLU B 389 -12.04 7.08 12.61
N ASP B 390 -10.77 6.85 13.07
CA ASP B 390 -10.06 7.73 13.99
C ASP B 390 -9.90 9.13 13.37
N PRO B 391 -10.53 10.16 14.00
CA PRO B 391 -10.49 11.52 13.43
C PRO B 391 -9.11 12.15 13.28
N THR B 392 -8.19 11.84 14.21
CA THR B 392 -6.81 12.36 14.17
C THR B 392 -6.08 11.74 12.98
N HIS B 393 -6.23 10.40 12.76
CA HIS B 393 -5.59 9.72 11.63
C HIS B 393 -6.12 10.28 10.30
N LEU B 394 -7.46 10.40 10.19
CA LEU B 394 -8.10 10.94 8.98
C LEU B 394 -7.65 12.36 8.65
N ARG B 395 -7.54 13.22 9.69
CA ARG B 395 -7.05 14.59 9.55
C ARG B 395 -5.62 14.58 8.98
N ASP B 396 -4.72 13.77 9.57
CA ASP B 396 -3.32 13.66 9.17
C ASP B 396 -3.11 13.03 7.79
N ALA B 397 -4.01 12.07 7.42
CA ALA B 397 -4.03 11.38 6.14
C ALA B 397 -4.45 12.36 5.05
N MET B 398 -5.45 13.23 5.33
CA MET B 398 -5.90 14.27 4.42
C MET B 398 -4.75 15.23 4.07
N SER B 399 -3.95 15.60 5.09
CA SER B 399 -2.81 16.50 4.94
C SER B 399 -1.73 15.81 4.08
N ALA B 400 -1.47 14.50 4.36
CA ALA B 400 -0.50 13.66 3.64
C ALA B 400 -0.91 13.48 2.17
N VAL B 401 -2.20 13.22 1.86
CA VAL B 401 -2.69 13.11 0.48
C VAL B 401 -2.28 14.36 -0.34
N VAL B 402 -2.61 15.55 0.18
CA VAL B 402 -2.34 16.83 -0.47
C VAL B 402 -0.83 17.12 -0.57
N GLY B 403 -0.06 16.86 0.49
CA GLY B 403 1.37 17.09 0.48
C GLY B 403 2.12 16.16 -0.44
N ASP B 404 1.74 14.84 -0.42
CA ASP B 404 2.35 13.79 -1.25
C ASP B 404 2.06 13.98 -2.72
N HIS B 405 0.78 14.22 -3.06
CA HIS B 405 0.32 14.39 -4.42
C HIS B 405 0.99 15.57 -5.12
N ASN B 406 0.99 16.74 -4.44
CA ASN B 406 1.46 18.01 -4.95
C ASN B 406 2.93 18.32 -4.77
N VAL B 407 3.56 17.84 -3.67
CA VAL B 407 4.94 18.22 -3.43
C VAL B 407 5.91 17.03 -3.31
N VAL B 408 5.78 16.19 -2.24
CA VAL B 408 6.71 15.10 -1.91
C VAL B 408 6.94 14.13 -3.08
N CYS B 409 5.88 13.68 -3.74
CA CYS B 409 6.06 12.70 -4.82
C CYS B 409 6.53 13.35 -6.11
N PRO B 410 6.05 14.56 -6.53
CA PRO B 410 6.73 15.27 -7.64
C PRO B 410 8.24 15.50 -7.37
N VAL B 411 8.65 15.84 -6.09
CA VAL B 411 10.06 16.03 -5.65
C VAL B 411 10.85 14.71 -5.81
N ALA B 412 10.26 13.57 -5.39
CA ALA B 412 10.90 12.25 -5.48
C ALA B 412 11.11 11.85 -6.94
N GLN B 413 10.11 12.13 -7.79
CA GLN B 413 10.13 11.88 -9.23
C GLN B 413 11.25 12.75 -9.87
N LEU B 414 11.33 14.04 -9.49
CA LEU B 414 12.37 14.93 -10.01
C LEU B 414 13.79 14.47 -9.58
N ALA B 415 14.04 14.28 -8.28
CA ALA B 415 15.31 13.81 -7.75
C ALA B 415 15.78 12.55 -8.49
N GLY B 416 14.86 11.58 -8.65
CA GLY B 416 15.12 10.33 -9.35
C GLY B 416 15.55 10.48 -10.80
N ARG B 417 14.78 11.24 -11.60
CA ARG B 417 15.08 11.45 -13.01
C ARG B 417 16.37 12.25 -13.19
N LEU B 418 16.56 13.33 -12.39
CA LEU B 418 17.79 14.13 -12.42
C LEU B 418 19.04 13.27 -12.13
N ALA B 419 19.00 12.47 -11.06
CA ALA B 419 20.07 11.56 -10.66
C ALA B 419 20.37 10.51 -11.73
N ALA B 420 19.32 9.85 -12.28
CA ALA B 420 19.48 8.85 -13.34
C ALA B 420 20.09 9.48 -14.60
N GLN B 421 19.86 10.77 -14.83
CA GLN B 421 20.32 11.46 -16.02
C GLN B 421 21.54 12.38 -15.82
N GLY B 422 22.42 11.99 -14.90
CA GLY B 422 23.71 12.63 -14.69
C GLY B 422 23.87 13.82 -13.78
N ALA B 423 22.81 14.31 -13.14
CA ALA B 423 22.94 15.42 -12.22
C ALA B 423 23.47 14.94 -10.87
N ARG B 424 23.94 15.88 -10.06
CA ARG B 424 24.40 15.61 -8.71
C ARG B 424 23.26 16.14 -7.85
N VAL B 425 22.56 15.27 -7.14
CA VAL B 425 21.36 15.65 -6.39
C VAL B 425 21.60 15.46 -4.90
N TYR B 426 21.11 16.40 -4.08
CA TYR B 426 21.15 16.32 -2.61
C TYR B 426 19.73 16.57 -2.18
N ALA B 427 19.20 15.69 -1.34
CA ALA B 427 17.81 15.83 -0.92
C ALA B 427 17.67 15.91 0.58
N TYR B 428 16.65 16.65 1.05
CA TYR B 428 16.38 16.81 2.47
C TYR B 428 14.88 16.73 2.81
N ILE B 429 14.59 16.64 4.12
CA ILE B 429 13.28 16.77 4.74
C ILE B 429 13.46 17.72 5.91
N PHE B 430 12.74 18.85 5.89
CA PHE B 430 12.85 19.84 6.96
C PHE B 430 11.73 19.53 7.96
N GLU B 431 12.12 19.22 9.20
CA GLU B 431 11.18 18.74 10.22
C GLU B 431 11.09 19.61 11.45
N HIS B 432 11.73 20.78 11.42
CA HIS B 432 11.68 21.66 12.58
C HIS B 432 10.55 22.68 12.49
N ARG B 433 9.67 22.71 13.50
CA ARG B 433 8.57 23.66 13.61
C ARG B 433 9.02 24.87 14.44
N ALA B 434 9.04 26.07 13.81
CA ALA B 434 9.44 27.35 14.45
C ALA B 434 8.69 27.54 15.75
N SER B 435 9.41 27.82 16.83
CA SER B 435 8.86 28.06 18.15
C SER B 435 7.85 29.24 18.15
N THR B 436 7.98 30.13 17.15
CA THR B 436 7.19 31.34 16.95
C THR B 436 5.94 31.16 16.03
N LEU B 437 5.63 29.92 15.57
CA LEU B 437 4.51 29.63 14.67
C LEU B 437 3.14 29.84 15.31
N THR B 438 2.27 30.58 14.62
CA THR B 438 0.92 30.94 15.07
C THR B 438 -0.17 30.08 14.46
N TRP B 439 0.22 29.19 13.52
CA TRP B 439 -0.69 28.20 12.94
C TRP B 439 -0.82 27.12 14.00
N PRO B 440 -1.96 26.38 14.08
CA PRO B 440 -2.08 25.34 15.12
C PRO B 440 -1.00 24.25 15.04
N LEU B 441 -0.83 23.50 16.14
CA LEU B 441 0.15 22.40 16.20
C LEU B 441 -0.16 21.29 15.21
N TRP B 442 -1.46 21.03 14.95
CA TRP B 442 -1.87 19.97 14.02
C TRP B 442 -1.30 20.19 12.62
N MET B 443 -1.08 21.47 12.25
CA MET B 443 -0.53 21.83 10.95
C MET B 443 0.96 21.46 10.80
N GLY B 444 1.61 21.06 11.89
CA GLY B 444 3.01 20.65 11.92
C GLY B 444 3.97 21.70 11.39
N VAL B 445 4.79 21.33 10.40
CA VAL B 445 5.76 22.21 9.73
C VAL B 445 5.11 22.52 8.38
N PRO B 446 4.35 23.64 8.25
CA PRO B 446 3.61 23.89 7.01
C PRO B 446 4.48 24.43 5.90
N HIS B 447 3.93 24.36 4.70
CA HIS B 447 4.50 24.80 3.44
C HIS B 447 5.03 26.23 3.56
N GLY B 448 6.34 26.38 3.40
CA GLY B 448 7.01 27.69 3.44
C GLY B 448 7.68 28.05 4.73
N TYR B 449 7.58 27.20 5.78
CA TYR B 449 8.10 27.58 7.09
C TYR B 449 9.55 27.13 7.40
N GLU B 450 10.30 26.77 6.35
CA GLU B 450 11.72 26.51 6.44
C GLU B 450 12.46 27.76 5.96
N ILE B 451 11.78 28.64 5.17
CA ILE B 451 12.37 29.80 4.51
C ILE B 451 13.06 30.73 5.50
N GLU B 452 12.38 31.12 6.60
CA GLU B 452 12.95 32.04 7.61
C GLU B 452 14.26 31.51 8.23
N PHE B 453 14.44 30.17 8.26
CA PHE B 453 15.63 29.49 8.77
C PHE B 453 16.80 29.57 7.76
N ILE B 454 16.54 29.30 6.47
CA ILE B 454 17.53 29.36 5.39
C ILE B 454 18.06 30.80 5.22
N PHE B 455 17.17 31.83 5.32
CA PHE B 455 17.54 33.24 5.18
C PHE B 455 18.23 33.79 6.45
N GLY B 456 18.18 33.03 7.56
CA GLY B 456 18.84 33.40 8.81
C GLY B 456 18.12 34.35 9.72
N LEU B 457 16.78 34.45 9.55
CA LEU B 457 15.96 35.32 10.40
C LEU B 457 16.15 35.02 11.91
N PRO B 458 16.32 33.76 12.40
CA PRO B 458 16.60 33.56 13.84
C PRO B 458 17.84 34.27 14.40
N LEU B 459 18.74 34.76 13.53
CA LEU B 459 19.92 35.50 13.96
C LEU B 459 19.60 36.91 14.47
N ASP B 460 18.40 37.42 14.18
CA ASP B 460 17.91 38.72 14.66
C ASP B 460 17.34 38.48 16.08
N PRO B 461 17.99 39.05 17.12
CA PRO B 461 17.51 38.79 18.49
C PRO B 461 16.10 39.29 18.80
N SER B 462 15.65 40.34 18.10
CA SER B 462 14.33 40.93 18.25
C SER B 462 13.18 40.01 17.78
N LEU B 463 13.49 38.91 17.02
CA LEU B 463 12.48 38.01 16.47
C LEU B 463 12.06 36.87 17.43
N ASN B 464 12.73 36.80 18.59
CA ASN B 464 12.46 35.92 19.72
C ASN B 464 12.52 34.39 19.43
N TYR B 465 13.38 33.95 18.47
CA TYR B 465 13.62 32.51 18.25
C TYR B 465 14.56 32.03 19.36
N THR B 466 14.59 30.71 19.62
CA THR B 466 15.46 30.13 20.65
C THR B 466 16.94 30.13 20.24
N THR B 467 17.84 29.92 21.20
CA THR B 467 19.28 29.81 20.96
C THR B 467 19.56 28.65 20.01
N GLU B 468 18.86 27.51 20.21
CA GLU B 468 18.98 26.30 19.38
C GLU B 468 18.57 26.59 17.94
N GLU B 469 17.50 27.42 17.75
CA GLU B 469 17.00 27.85 16.44
C GLU B 469 17.98 28.78 15.72
N ARG B 470 18.77 29.55 16.48
CA ARG B 470 19.80 30.45 15.96
C ARG B 470 20.97 29.61 15.44
N ILE B 471 21.37 28.54 16.18
CA ILE B 471 22.47 27.62 15.82
C ILE B 471 22.09 26.80 14.59
N PHE B 472 20.83 26.40 14.52
CA PHE B 472 20.26 25.63 13.42
C PHE B 472 20.16 26.48 12.14
N ALA B 473 19.71 27.75 12.25
CA ALA B 473 19.65 28.67 11.08
C ALA B 473 21.05 28.86 10.50
N GLN B 474 22.06 29.01 11.36
CA GLN B 474 23.47 29.15 10.97
C GLN B 474 23.97 27.91 10.22
N ARG B 475 23.53 26.71 10.66
CA ARG B 475 23.87 25.44 10.03
C ARG B 475 23.28 25.40 8.61
N LEU B 476 22.01 25.83 8.49
CA LEU B 476 21.28 25.86 7.23
C LEU B 476 21.84 26.84 6.21
N MET B 477 22.27 28.03 6.66
CA MET B 477 22.89 29.06 5.83
C MET B 477 24.20 28.55 5.29
N LYS B 478 24.94 27.75 6.11
CA LYS B 478 26.19 27.09 5.71
C LYS B 478 25.92 26.03 4.64
N TYR B 479 24.83 25.21 4.77
CA TYR B 479 24.54 24.20 3.76
C TYR B 479 24.27 24.84 2.43
N TRP B 480 23.33 25.82 2.40
CA TRP B 480 22.91 26.56 1.20
C TRP B 480 24.06 27.29 0.50
N THR B 481 24.91 28.03 1.26
CA THR B 481 26.03 28.78 0.69
C THR B 481 27.22 27.86 0.32
N ASN B 482 27.39 26.73 1.02
CA ASN B 482 28.41 25.74 0.68
C ASN B 482 28.02 25.10 -0.62
N PHE B 483 26.72 24.86 -0.80
CA PHE B 483 26.17 24.33 -2.03
C PHE B 483 26.32 25.33 -3.18
N ALA B 484 26.05 26.63 -2.92
CA ALA B 484 26.20 27.68 -3.92
C ALA B 484 27.66 27.81 -4.37
N ARG B 485 28.61 27.71 -3.42
CA ARG B 485 30.05 27.80 -3.68
C ARG B 485 30.64 26.63 -4.44
N THR B 486 30.24 25.39 -4.08
CA THR B 486 30.87 24.15 -4.53
C THR B 486 29.95 23.09 -5.19
N GLY B 487 28.64 23.24 -5.11
CA GLY B 487 27.69 22.24 -5.61
C GLY B 487 27.55 21.04 -4.69
N ASP B 488 28.07 21.17 -3.44
CA ASP B 488 28.07 20.18 -2.37
C ASP B 488 27.76 20.95 -1.07
N PRO B 489 26.68 20.61 -0.32
CA PRO B 489 26.35 21.34 0.92
C PRO B 489 27.20 21.01 2.14
N ASN B 490 28.09 20.03 2.02
CA ASN B 490 28.93 19.61 3.12
C ASN B 490 30.03 20.60 3.39
N ASP B 491 30.34 20.76 4.70
CA ASP B 491 31.34 21.67 5.21
C ASP B 491 32.74 21.03 5.13
N PRO B 492 33.61 21.53 4.21
CA PRO B 492 34.99 21.01 4.13
C PRO B 492 35.79 21.28 5.42
N ARG B 493 35.38 22.31 6.21
CA ARG B 493 35.95 22.68 7.51
C ARG B 493 35.59 21.58 8.51
N ASP B 494 34.27 21.26 8.62
CA ASP B 494 33.77 20.20 9.50
C ASP B 494 34.24 18.83 8.99
N SER B 495 35.43 18.45 9.50
CA SER B 495 36.15 17.18 9.27
C SER B 495 35.52 16.04 10.13
N LYS B 496 34.41 16.39 10.81
CA LYS B 496 33.53 15.53 11.59
C LYS B 496 32.26 15.53 10.75
N SER B 497 31.61 14.38 10.74
CA SER B 497 30.39 14.06 10.00
C SER B 497 29.05 14.59 10.73
N PRO B 498 27.86 13.97 10.47
CA PRO B 498 27.58 12.93 9.46
C PRO B 498 27.54 13.66 8.12
N GLN B 499 28.16 13.07 7.09
CA GLN B 499 28.18 13.69 5.76
C GLN B 499 26.82 13.55 5.11
N TRP B 500 26.42 14.57 4.33
CA TRP B 500 25.18 14.60 3.54
C TRP B 500 25.56 13.86 2.22
N PRO B 501 25.06 12.62 2.03
CA PRO B 501 25.38 11.91 0.78
C PRO B 501 24.52 12.36 -0.41
N PRO B 502 25.06 12.31 -1.65
CA PRO B 502 24.19 12.64 -2.80
C PRO B 502 23.04 11.62 -2.91
N TYR B 503 21.88 12.08 -3.40
CA TYR B 503 20.72 11.24 -3.64
C TYR B 503 20.97 10.48 -4.92
N THR B 504 20.80 9.16 -4.88
CA THR B 504 20.97 8.28 -6.05
C THR B 504 19.71 7.46 -6.24
N THR B 505 19.48 6.96 -7.46
CA THR B 505 18.34 6.09 -7.75
C THR B 505 18.43 4.76 -7.00
N ALA B 506 19.67 4.26 -6.78
CA ALA B 506 19.92 3.01 -6.07
C ALA B 506 19.67 3.14 -4.58
N ALA B 507 20.44 4.02 -3.90
CA ALA B 507 20.41 4.20 -2.45
C ALA B 507 19.32 5.12 -1.93
N GLN B 508 18.84 6.06 -2.74
CA GLN B 508 17.78 7.02 -2.41
C GLN B 508 18.00 7.74 -1.10
N GLN B 509 19.26 8.12 -0.82
CA GLN B 509 19.60 8.83 0.43
C GLN B 509 19.25 10.30 0.47
N TYR B 510 18.65 10.69 1.59
CA TYR B 510 18.28 12.07 1.92
C TYR B 510 18.57 12.33 3.41
N VAL B 511 18.62 13.59 3.81
CA VAL B 511 18.90 13.91 5.21
C VAL B 511 17.74 14.60 5.91
N SER B 512 17.67 14.45 7.24
CA SER B 512 16.70 15.15 8.08
C SER B 512 17.33 16.47 8.56
N LEU B 513 16.60 17.60 8.33
CA LEU B 513 17.00 18.92 8.77
C LEU B 513 16.10 19.31 9.96
N ASN B 514 16.65 19.12 11.17
CA ASN B 514 16.02 19.46 12.45
C ASN B 514 17.09 19.91 13.41
N LEU B 515 16.71 20.18 14.68
CA LEU B 515 17.64 20.61 15.73
C LEU B 515 18.75 19.60 16.03
N LYS B 516 18.53 18.30 15.74
CA LYS B 516 19.52 17.24 15.97
C LYS B 516 20.52 17.21 14.78
N PRO B 517 21.74 16.61 14.93
CA PRO B 517 22.66 16.51 13.77
C PRO B 517 22.06 15.77 12.57
N LEU B 518 22.55 16.07 11.33
CA LEU B 518 22.10 15.39 10.10
C LEU B 518 21.93 13.90 10.32
N GLU B 519 20.82 13.36 9.85
CA GLU B 519 20.51 11.93 9.92
C GLU B 519 20.20 11.51 8.50
N VAL B 520 20.88 10.47 8.03
CA VAL B 520 20.74 9.94 6.68
C VAL B 520 19.62 8.89 6.66
N ARG B 521 18.63 9.10 5.79
CA ARG B 521 17.49 8.20 5.64
C ARG B 521 17.45 7.74 4.18
N ARG B 522 16.73 6.66 3.91
CA ARG B 522 16.65 6.11 2.56
C ARG B 522 15.24 5.97 2.10
N GLY B 523 14.97 6.46 0.91
CA GLY B 523 13.67 6.41 0.28
C GLY B 523 12.75 7.48 0.80
N LEU B 524 12.40 8.42 -0.06
CA LEU B 524 11.51 9.54 0.23
C LEU B 524 10.09 9.04 -0.05
N ARG B 525 9.34 8.58 0.99
CA ARG B 525 8.00 7.94 0.86
C ARG B 525 8.05 6.97 -0.32
N ALA B 526 9.06 6.07 -0.35
CA ALA B 526 9.27 5.18 -1.50
C ALA B 526 8.01 4.43 -1.93
N GLN B 527 7.28 3.77 -1.00
CA GLN B 527 6.05 2.99 -1.30
C GLN B 527 4.89 3.86 -1.77
N THR B 528 4.61 4.95 -1.03
CA THR B 528 3.55 5.91 -1.33
C THR B 528 3.81 6.63 -2.66
N CYS B 529 5.04 7.09 -2.88
CA CYS B 529 5.32 7.78 -4.14
C CYS B 529 5.35 6.83 -5.33
N ALA B 530 5.54 5.52 -5.11
CA ALA B 530 5.38 4.52 -6.18
C ALA B 530 3.89 4.48 -6.56
N PHE B 531 2.98 4.66 -5.59
CA PHE B 531 1.55 4.70 -5.81
C PHE B 531 1.21 5.91 -6.71
N TRP B 532 1.60 7.12 -6.29
CA TRP B 532 1.36 8.36 -7.04
C TRP B 532 2.06 8.42 -8.41
N ASN B 533 3.37 8.10 -8.46
CA ASN B 533 4.21 8.19 -9.66
C ASN B 533 4.14 7.01 -10.65
N ARG B 534 3.77 5.81 -10.18
CA ARG B 534 3.72 4.65 -11.09
C ARG B 534 2.34 4.08 -11.26
N PHE B 535 1.59 3.91 -10.17
CA PHE B 535 0.28 3.29 -10.27
C PHE B 535 -0.81 4.22 -10.73
N LEU B 536 -1.04 5.28 -9.97
CA LEU B 536 -2.12 6.21 -10.24
C LEU B 536 -2.14 6.74 -11.69
N PRO B 537 -1.00 7.10 -12.38
CA PRO B 537 -1.11 7.48 -13.80
C PRO B 537 -1.78 6.39 -14.68
N LYS B 538 -1.54 5.08 -14.38
CA LYS B 538 -2.15 3.93 -15.08
C LYS B 538 -3.66 3.82 -14.83
N LEU B 539 -4.14 4.38 -13.72
CA LEU B 539 -5.55 4.35 -13.33
C LEU B 539 -6.32 5.51 -13.95
N LEU B 540 -5.60 6.57 -14.39
CA LEU B 540 -6.14 7.74 -15.08
C LEU B 540 -5.72 7.70 -16.59
N SER B 541 -5.27 6.52 -17.08
CA SER B 541 -4.78 6.27 -18.45
C SER B 541 -5.53 5.12 -19.12
N ALA B 542 -5.63 3.97 -18.42
CA ALA B 542 -6.32 2.76 -18.89
C ALA B 542 -7.85 2.84 -18.64
N THR B 543 -8.27 3.64 -17.63
CA THR B 543 -9.67 3.86 -17.24
C THR B 543 -9.95 5.38 -17.03
C1 NAG C . 16.93 -23.19 -8.92
C2 NAG C . 17.55 -22.13 -9.83
C3 NAG C . 16.53 -21.82 -10.95
C4 NAG C . 16.14 -23.08 -11.71
C5 NAG C . 15.69 -24.19 -10.76
C6 NAG C . 15.51 -25.55 -11.44
C7 NAG C . 19.04 -20.67 -8.47
C8 NAG C . 19.07 -19.52 -7.52
N2 NAG C . 17.86 -20.91 -9.09
O3 NAG C . 17.09 -20.86 -11.85
O4 NAG C . 15.08 -22.76 -12.61
O5 NAG C . 16.66 -24.37 -9.70
O6 NAG C . 16.71 -26.29 -11.63
O7 NAG C . 20.03 -21.39 -8.65
C1 NAG D . 15.65 -40.30 15.10
C2 NAG D . 15.37 -40.79 13.67
C3 NAG D . 16.08 -42.13 13.43
C4 NAG D . 17.57 -41.99 13.71
C5 NAG D . 17.81 -41.44 15.12
C6 NAG D . 19.26 -41.13 15.40
C7 NAG D . 13.17 -39.87 13.01
C8 NAG D . 11.71 -40.18 12.86
N2 NAG D . 13.94 -40.90 13.42
O3 NAG D . 15.89 -42.56 12.09
O4 NAG D . 18.23 -43.26 13.54
O5 NAG D . 17.07 -40.22 15.31
O6 NAG D . 19.55 -41.07 16.80
O7 NAG D . 13.63 -38.74 12.81
N2 5NZ E . -1.70 -25.49 -11.28
C8 5NZ E . -1.30 -26.70 -11.73
C7 5NZ E . -1.64 -27.15 -13.02
C6 5NZ E . -1.35 -28.46 -13.41
C5 5NZ E . -0.68 -29.32 -12.53
C19 5NZ E . -0.65 -27.53 -10.83
C18 5NZ E . -0.34 -28.86 -11.14
N3 5NZ E . 0.23 -29.69 -10.21
C11 5NZ E . 0.59 -31.03 -10.51
C12 5NZ E . 1.20 -31.86 -9.44
C13 5NZ E . 0.35 -32.48 -8.50
C14 5NZ E . 0.88 -33.19 -7.44
C15 5NZ E . 2.28 -33.33 -7.34
C16 5NZ E . 3.14 -32.72 -8.25
C17 5NZ E . 2.59 -31.98 -9.31
C10 5NZ E . 0.29 -31.59 -11.87
C9 5NZ E . 0.53 -32.92 -12.19
C4 5NZ E . -0.33 -30.72 -12.91
C3 5NZ E . -0.63 -31.23 -14.17
C2 5NZ E . -0.42 -32.58 -14.41
C1 5NZ E . 0.20 -33.41 -13.46
N1 5NZ E . 0.51 -34.68 -13.79
C20 5NZ E . 0.67 -29.14 -8.90
C21 5NZ E . -0.41 -29.16 -7.82
C22 5NZ E . 0.12 -28.42 -6.60
C24 5NZ E . -0.93 -28.51 -5.50
C25 5NZ E . -0.28 -28.96 -4.22
C26 5NZ E . -1.33 -29.20 -3.16
N4 5NZ E . -1.47 -30.35 -2.54
N5 5NZ E . -2.50 -30.28 -1.60
N6 5NZ E . -3.02 -28.99 -1.68
C27 5NZ E . -2.29 -28.33 -2.62
C28 5NZ E . -0.65 -31.56 -2.64
C29 5NZ E . -0.72 -32.35 -1.37
N7 5NZ E . 0.32 -32.15 -0.41
C30 5NZ E . 0.28 -31.23 0.57
C31 5NZ E . 1.56 -30.55 0.82
C32 5NZ E . 2.71 -30.87 0.06
C33 5NZ E . 1.61 -29.51 1.88
C34 5NZ E . 2.83 -28.84 2.07
C35 5NZ E . 3.92 -29.21 1.30
C36 5NZ E . 3.90 -30.24 0.36
N8 5NZ E . 0.52 -29.19 2.61
C37 5NZ E . -0.66 -29.85 2.51
C38 5NZ E . -1.79 -29.40 3.43
C39 5NZ E . -0.84 -30.95 1.50
C40 5NZ E . -2.15 -31.71 1.46
C41 5NZ E . -2.84 -31.57 2.82
C42 5NZ E . -3.10 -30.09 3.07
C1 NAG F . -13.94 23.53 13.07
C2 NAG F . -15.03 22.48 13.27
C3 NAG F . -15.83 22.35 11.97
C4 NAG F . -16.47 23.69 11.60
C5 NAG F . -15.45 24.84 11.63
C6 NAG F . -16.14 26.20 11.64
C7 NAG F . -14.54 20.73 14.94
C8 NAG F . -13.64 19.58 15.26
N2 NAG F . -14.48 21.20 13.69
O3 NAG F . -16.84 21.36 12.12
O4 NAG F . -17.08 23.61 10.31
O5 NAG F . -14.63 24.76 12.81
O6 NAG F . -15.37 27.23 12.29
O7 NAG F . -15.26 21.24 15.80
O1 P6G G . -0.89 1.63 2.21
C2 P6G G . -0.87 0.31 1.67
C3 P6G G . -1.90 0.17 0.55
O4 P6G G . -2.96 -0.70 0.96
C5 P6G G . -4.26 -0.17 0.68
C6 P6G G . -4.79 -0.55 -0.71
O7 P6G G . -5.19 0.57 -1.50
C8 P6G G . -5.12 0.31 -2.91
C9 P6G G . -3.98 1.07 -3.59
O10 P6G G . -3.51 0.39 -4.75
C11 P6G G . -2.14 0.03 -4.58
C12 P6G G . -1.38 0.15 -5.90
O13 P6G G . 0.02 -0.18 -5.74
C14 P6G G . 0.91 0.94 -5.77
C15 P6G G . 2.04 0.80 -4.74
O16 P6G G . 1.48 0.72 -3.43
C17 P6G G . 2.44 0.56 -2.39
C18 P6G G . 1.67 0.21 -1.12
O19 P6G G . 2.40 -0.72 -0.31
N2 5NZ H . -8.58 26.15 -4.87
C8 5NZ H . -9.21 27.32 -4.68
C7 5NZ H . -10.29 27.73 -5.47
C6 5NZ H . -10.82 29.03 -5.36
C5 5NZ H . -10.29 29.94 -4.42
C19 5NZ H . -8.70 28.15 -3.70
C18 5NZ H . -9.16 29.47 -3.54
N3 5NZ H . -8.55 30.28 -2.64
C11 5NZ H . -9.02 31.61 -2.40
C12 5NZ H . -8.21 32.47 -1.51
C13 5NZ H . -7.06 33.07 -2.08
C14 5NZ H . -6.19 33.79 -1.27
C15 5NZ H . -6.49 33.95 0.10
C16 5NZ H . -7.63 33.36 0.66
C17 5NZ H . -8.49 32.60 -0.14
C10 5NZ H . -10.12 32.19 -3.21
C9 5NZ H . -10.52 33.51 -3.03
C4 5NZ H . -10.81 31.34 -4.22
C3 5NZ H . -11.92 31.86 -4.91
C2 5NZ H . -12.27 33.20 -4.71
C1 5NZ H . -11.60 34.00 -3.78
N1 5NZ H . -12.01 35.25 -3.52
C20 5NZ H . -7.49 29.69 -1.80
C21 5NZ H . -6.11 29.82 -2.42
C22 5NZ H . -5.09 29.85 -1.31
C24 5NZ H . -3.79 29.49 -1.97
C25 5NZ H . -2.81 29.16 -0.89
C26 5NZ H . -1.48 29.64 -1.39
N4 5NZ H . -0.96 30.85 -1.19
N5 5NZ H . 0.31 30.92 -1.77
N6 5NZ H . 0.53 29.67 -2.38
C27 5NZ H . -0.58 28.92 -2.17
C28 5NZ H . -1.42 32.00 -0.41
C29 5NZ H . -0.23 32.76 0.10
N7 5NZ H . 0.29 32.37 1.38
C30 5NZ H . 1.23 31.43 1.63
C31 5NZ H . 1.01 30.69 2.88
C32 5NZ H . -0.08 30.97 3.70
C33 5NZ H . 2.02 29.67 3.31
C34 5NZ H . 1.82 28.98 4.50
C35 5NZ H . 0.68 29.26 5.28
C36 5NZ H . -0.22 30.26 4.89
N8 5NZ H . 3.14 29.46 2.58
C37 5NZ H . 3.44 30.11 1.42
C38 5NZ H . 4.74 29.73 0.72
C39 5NZ H . 2.53 31.17 0.89
C40 5NZ H . 2.93 31.90 -0.38
C41 5NZ H . 4.46 31.92 -0.51
C42 5NZ H . 5.00 30.50 -0.57
#